data_8EEM
#
_entry.id   8EEM
#
_cell.length_a   59.182
_cell.length_b   118.327
_cell.length_c   141.208
_cell.angle_alpha   90.000
_cell.angle_beta   90.000
_cell.angle_gamma   90.000
#
_symmetry.space_group_name_H-M   'P 21 21 21'
#
loop_
_entity.id
_entity.type
_entity.pdbx_description
1 polymer 'Amine oxidase'
2 non-polymer 'FLAVIN-ADENINE DINUCLEOTIDE'
3 non-polymer Noradrenaline
4 water water
#
_entity_poly.entity_id   1
_entity_poly.type   'polypeptide(L)'
_entity_poly.pdbx_seq_one_letter_code
;MSKNKVVIIGAGFAGLVAARELQTAGIEYEILEAKDRIGGRAWTEERMGRPLELGATWVHWFQAHTWTEIMRYGQRTEIT
ASPSGNDAHWVTDGKVVKGTEDDLDEKLTAAMGVTYEGSEEYFPNPHDPLWVLSDDFDGPAEVRERFLSDDQTNAIDLVK
EAGFDQETIDLVDAFWCAGYIGDPYTGSALMAKQWGALSDNRYRVMEDITLKWKLNNGMRSLYDGIAGDLNTDIRLNTPV
AKVEHHDNGATVTTESGEVIEASAVICTVPVGALSNIEFSPALPDAVQSVIDDKWNSQGAKIWIKIKGHHRFLGYAPKPA
KMSVVRSEYFMDDDTTILVGFGYDNTNIDLNSIEDAQAVINQWRDDLEVVDTTGHNWVADKWAGQAWGTLRKGQFTQGWS
LFDDIDSQLFFAGSDYAYGWRGVCVDGALEKGMTTARQVINSMRETKEQ
;
_entity_poly.pdbx_strand_id   A,B
#
# COMPACT_ATOMS: atom_id res chain seq x y z
N LYS A 5 -10.88 -28.85 4.71
CA LYS A 5 -12.16 -29.09 4.07
C LYS A 5 -12.70 -27.87 3.30
N VAL A 6 -11.94 -26.77 3.26
CA VAL A 6 -12.08 -25.81 2.16
C VAL A 6 -11.15 -26.27 1.04
N VAL A 7 -11.68 -26.43 -0.17
CA VAL A 7 -10.86 -26.80 -1.30
C VAL A 7 -10.57 -25.54 -2.11
N ILE A 8 -9.30 -25.29 -2.35
CA ILE A 8 -8.84 -24.13 -3.12
C ILE A 8 -8.36 -24.65 -4.46
N ILE A 9 -8.94 -24.15 -5.55
CA ILE A 9 -8.57 -24.59 -6.89
C ILE A 9 -7.59 -23.58 -7.45
N GLY A 10 -6.34 -24.02 -7.62
CA GLY A 10 -5.28 -23.20 -8.19
C GLY A 10 -4.30 -22.65 -7.17
N ALA A 11 -3.01 -22.80 -7.45
CA ALA A 11 -1.93 -22.34 -6.60
C ALA A 11 -1.20 -21.16 -7.22
N GLY A 12 -1.95 -20.20 -7.75
CA GLY A 12 -1.43 -18.88 -8.02
C GLY A 12 -1.44 -18.05 -6.73
N PHE A 13 -1.15 -16.76 -6.89
CA PHE A 13 -1.09 -15.89 -5.72
C PHE A 13 -2.41 -15.86 -4.97
N ALA A 14 -3.55 -15.86 -5.68
CA ALA A 14 -4.84 -15.79 -4.98
C ALA A 14 -5.08 -17.05 -4.15
N GLY A 15 -4.78 -18.22 -4.73
CA GLY A 15 -5.00 -19.45 -3.99
C GLY A 15 -4.04 -19.62 -2.83
N LEU A 16 -2.78 -19.24 -3.02
CA LEU A 16 -1.79 -19.36 -1.96
C LEU A 16 -2.10 -18.44 -0.78
N VAL A 17 -2.45 -17.18 -1.07
CA VAL A 17 -2.73 -16.25 0.03
C VAL A 17 -4.04 -16.62 0.72
N ALA A 18 -5.00 -17.19 -0.02
CA ALA A 18 -6.23 -17.67 0.59
C ALA A 18 -5.95 -18.79 1.57
N ALA A 19 -5.09 -19.73 1.16
CA ALA A 19 -4.74 -20.85 2.04
C ALA A 19 -4.04 -20.35 3.31
N ARG A 20 -3.12 -19.40 3.17
CA ARG A 20 -2.44 -18.87 4.35
C ARG A 20 -3.43 -18.19 5.28
N GLU A 21 -4.41 -17.47 4.73
CA GLU A 21 -5.43 -16.82 5.54
C GLU A 21 -6.28 -17.83 6.30
N LEU A 22 -6.71 -18.90 5.62
CA LEU A 22 -7.48 -19.94 6.31
C LEU A 22 -6.66 -20.62 7.39
N GLN A 23 -5.38 -20.86 7.11
CA GLN A 23 -4.47 -21.44 8.10
C GLN A 23 -4.41 -20.60 9.37
N THR A 24 -4.32 -19.27 9.23
CA THR A 24 -4.32 -18.39 10.40
C THR A 24 -5.57 -18.59 11.25
N ALA A 25 -6.72 -18.79 10.61
CA ALA A 25 -7.99 -18.98 11.29
C ALA A 25 -8.21 -20.42 11.74
N GLY A 26 -7.23 -21.31 11.56
CA GLY A 26 -7.40 -22.69 11.98
C GLY A 26 -8.40 -23.48 11.16
N ILE A 27 -8.58 -23.14 9.90
CA ILE A 27 -9.52 -23.84 9.02
C ILE A 27 -8.73 -24.77 8.11
N GLU A 28 -9.18 -26.01 8.02
CA GLU A 28 -8.49 -26.98 7.18
C GLU A 28 -8.74 -26.67 5.69
N TYR A 29 -7.71 -26.89 4.87
CA TYR A 29 -7.79 -26.56 3.47
C TYR A 29 -6.94 -27.56 2.67
N GLU A 30 -7.18 -27.59 1.36
CA GLU A 30 -6.25 -28.23 0.46
C GLU A 30 -6.26 -27.45 -0.85
N ILE A 31 -5.08 -27.23 -1.42
CA ILE A 31 -4.93 -26.58 -2.72
C ILE A 31 -4.74 -27.65 -3.78
N LEU A 32 -5.57 -27.61 -4.81
CA LEU A 32 -5.42 -28.49 -5.96
C LEU A 32 -4.96 -27.65 -7.15
N GLU A 33 -3.81 -28.00 -7.71
CA GLU A 33 -3.19 -27.25 -8.80
C GLU A 33 -3.02 -28.16 -10.01
N ALA A 34 -3.45 -27.68 -11.18
CA ALA A 34 -3.41 -28.51 -12.38
C ALA A 34 -1.98 -28.76 -12.86
N LYS A 35 -1.11 -27.77 -12.76
CA LYS A 35 0.25 -27.86 -13.28
C LYS A 35 1.19 -28.54 -12.27
N ASP A 36 2.43 -28.76 -12.73
CA ASP A 36 3.51 -29.30 -11.91
C ASP A 36 4.31 -28.19 -11.24
N ARG A 37 3.72 -27.00 -11.09
CA ARG A 37 4.41 -25.86 -10.50
C ARG A 37 3.36 -24.97 -9.86
N ILE A 38 3.80 -24.13 -8.92
CA ILE A 38 2.96 -23.12 -8.33
C ILE A 38 3.32 -21.77 -8.92
N GLY A 39 2.48 -20.77 -8.66
CA GLY A 39 2.68 -19.41 -9.09
C GLY A 39 1.72 -18.95 -10.15
N GLY A 40 1.12 -19.87 -10.92
CA GLY A 40 0.15 -19.48 -11.93
C GLY A 40 0.73 -18.54 -12.97
N ARG A 41 0.04 -17.42 -13.17
CA ARG A 41 0.46 -16.44 -14.17
C ARG A 41 1.62 -15.56 -13.70
N ALA A 42 2.13 -15.77 -12.49
CA ALA A 42 3.46 -15.31 -12.11
C ALA A 42 4.41 -16.50 -12.22
N TRP A 43 5.50 -16.33 -12.95
CA TRP A 43 6.36 -17.47 -13.28
C TRP A 43 7.77 -16.93 -13.55
N THR A 44 8.65 -17.07 -12.57
CA THR A 44 10.07 -16.73 -12.72
C THR A 44 10.81 -17.97 -13.21
N GLU A 45 11.42 -17.88 -14.39
CA GLU A 45 12.03 -19.04 -15.05
C GLU A 45 13.37 -18.65 -15.66
N GLU A 46 14.39 -19.48 -15.45
CA GLU A 46 15.67 -19.25 -16.10
C GLU A 46 15.54 -19.45 -17.60
N ARG A 47 15.77 -18.39 -18.37
CA ARG A 47 15.75 -18.43 -19.83
C ARG A 47 16.78 -17.43 -20.35
N MET A 48 17.42 -17.79 -21.46
CA MET A 48 18.37 -16.90 -22.16
C MET A 48 19.46 -16.37 -21.23
N GLY A 49 19.80 -17.15 -20.20
CA GLY A 49 20.97 -16.87 -19.39
C GLY A 49 20.71 -16.23 -18.03
N ARG A 50 19.45 -15.98 -17.68
CA ARG A 50 19.15 -15.32 -16.41
C ARG A 50 17.68 -15.58 -16.07
N PRO A 51 17.28 -15.38 -14.81
CA PRO A 51 15.86 -15.52 -14.45
C PRO A 51 15.02 -14.44 -15.11
N LEU A 52 14.00 -14.86 -15.85
CA LEU A 52 13.09 -13.94 -16.53
C LEU A 52 11.66 -14.16 -16.06
N GLU A 53 10.90 -13.08 -15.92
CA GLU A 53 9.49 -13.18 -15.55
C GLU A 53 8.67 -13.45 -16.80
N LEU A 54 8.20 -14.70 -16.96
CA LEU A 54 7.39 -15.06 -18.11
C LEU A 54 5.96 -14.52 -17.99
N GLY A 55 5.54 -14.19 -16.78
CA GLY A 55 4.34 -13.43 -16.52
C GLY A 55 4.66 -12.19 -15.69
N ALA A 56 4.17 -12.15 -14.46
CA ALA A 56 4.24 -10.93 -13.65
C ALA A 56 5.66 -10.44 -13.39
N THR A 57 5.87 -9.11 -13.44
CA THR A 57 7.18 -8.47 -13.26
C THR A 57 7.23 -7.32 -12.23
N TRP A 58 6.42 -6.28 -12.39
CA TRP A 58 6.65 -5.01 -11.70
C TRP A 58 5.75 -4.85 -10.46
N VAL A 59 6.27 -4.08 -9.48
CA VAL A 59 5.67 -3.91 -8.15
C VAL A 59 5.90 -2.46 -7.70
N HIS A 60 5.22 -2.07 -6.61
CA HIS A 60 5.38 -0.74 -6.05
C HIS A 60 4.86 -0.72 -4.62
N TRP A 61 5.37 0.21 -3.81
CA TRP A 61 4.91 0.33 -2.43
C TRP A 61 3.53 0.97 -2.32
N PHE A 62 2.99 1.54 -3.40
CA PHE A 62 1.60 2.01 -3.39
C PHE A 62 0.61 0.88 -3.72
N GLN A 63 1.09 -0.35 -3.84
CA GLN A 63 0.25 -1.55 -3.99
C GLN A 63 0.23 -2.26 -2.64
N ALA A 64 -0.85 -2.05 -1.87
CA ALA A 64 -0.83 -2.44 -0.46
C ALA A 64 -0.56 -3.93 -0.29
N HIS A 65 -1.26 -4.77 -1.05
CA HIS A 65 -1.16 -6.20 -0.80
C HIS A 65 0.19 -6.75 -1.25
N THR A 66 0.63 -6.37 -2.45
CA THR A 66 1.94 -6.78 -2.94
C THR A 66 3.04 -6.29 -2.02
N TRP A 67 2.98 -5.01 -1.62
CA TRP A 67 4.06 -4.48 -0.82
C TRP A 67 4.14 -5.17 0.53
N THR A 68 3.00 -5.52 1.12
CA THR A 68 3.10 -6.21 2.41
C THR A 68 3.79 -7.54 2.26
N GLU A 69 3.59 -8.25 1.15
CA GLU A 69 4.29 -9.52 0.98
C GLU A 69 5.77 -9.29 0.72
N ILE A 70 6.09 -8.22 0.00
CA ILE A 70 7.47 -7.89 -0.33
C ILE A 70 8.33 -7.68 0.91
N MET A 71 7.76 -7.00 1.90
CA MET A 71 8.47 -6.73 3.15
C MET A 71 8.37 -7.89 4.12
N ARG A 72 7.38 -8.76 3.89
CA ARG A 72 7.16 -9.91 4.75
C ARG A 72 8.15 -11.04 4.43
N TYR A 73 8.45 -11.21 3.16
CA TYR A 73 9.38 -12.24 2.71
C TYR A 73 10.77 -11.70 2.42
N GLY A 74 11.11 -10.56 3.00
CA GLY A 74 12.50 -10.11 3.02
C GLY A 74 12.97 -9.37 1.80
N GLN A 75 12.06 -8.90 0.95
CA GLN A 75 12.44 -8.30 -0.33
C GLN A 75 12.41 -6.77 -0.34
N ARG A 76 12.27 -6.14 0.84
CA ARG A 76 12.16 -4.68 0.96
C ARG A 76 13.17 -3.91 0.11
N THR A 77 14.44 -4.29 0.17
CA THR A 77 15.48 -3.61 -0.59
C THR A 77 15.88 -4.37 -1.84
N GLU A 78 15.17 -5.45 -2.17
CA GLU A 78 15.52 -6.25 -3.34
C GLU A 78 14.67 -5.89 -4.55
N ILE A 79 14.55 -4.59 -4.82
CA ILE A 79 13.87 -4.09 -6.01
C ILE A 79 14.83 -3.19 -6.77
N THR A 80 14.68 -3.19 -8.09
CA THR A 80 15.54 -2.43 -8.99
C THR A 80 14.68 -1.82 -10.08
N ALA A 81 14.93 -0.56 -10.43
CA ALA A 81 14.16 0.11 -11.46
C ALA A 81 14.60 -0.33 -12.85
N SER A 82 13.62 -0.47 -13.74
CA SER A 82 13.91 -0.76 -15.14
C SER A 82 14.71 0.38 -15.78
N PRO A 83 15.44 0.10 -16.86
CA PRO A 83 16.20 1.14 -17.54
C PRO A 83 15.33 2.30 -18.02
N SER A 84 15.83 3.53 -17.81
CA SER A 84 15.16 4.74 -18.27
C SER A 84 16.15 5.55 -19.11
N GLY A 85 15.68 6.69 -19.62
CA GLY A 85 16.52 7.46 -20.53
C GLY A 85 16.85 6.74 -21.80
N ASN A 86 15.95 5.89 -22.29
CA ASN A 86 16.16 5.16 -23.53
C ASN A 86 15.98 6.07 -24.73
N ASP A 87 16.60 5.68 -25.84
CA ASP A 87 16.29 6.28 -27.14
C ASP A 87 14.94 5.76 -27.61
N ALA A 88 13.98 6.66 -27.79
CA ALA A 88 12.61 6.30 -28.08
C ALA A 88 12.30 6.36 -29.57
N HIS A 89 11.44 5.45 -30.01
CA HIS A 89 10.98 5.33 -31.38
C HIS A 89 9.49 5.07 -31.37
N TRP A 90 8.74 5.71 -32.25
CA TRP A 90 7.34 5.38 -32.33
C TRP A 90 6.87 5.45 -33.78
N VAL A 91 5.95 4.56 -34.10
CA VAL A 91 5.36 4.47 -35.44
C VAL A 91 4.08 5.29 -35.44
N THR A 92 3.94 6.23 -36.38
CA THR A 92 2.69 6.98 -36.38
C THR A 92 1.91 6.66 -37.64
N ASP A 93 2.22 7.25 -38.78
CA ASP A 93 1.48 6.91 -39.98
C ASP A 93 2.38 6.11 -40.91
N GLY A 94 2.65 4.88 -40.48
CA GLY A 94 3.58 4.01 -41.18
C GLY A 94 5.03 4.46 -41.15
N LYS A 95 5.33 5.57 -40.47
CA LYS A 95 6.69 6.09 -40.41
C LYS A 95 7.21 5.99 -38.98
N VAL A 96 8.52 5.86 -38.84
CA VAL A 96 9.14 5.78 -37.52
C VAL A 96 9.67 7.16 -37.14
N VAL A 97 9.25 7.65 -35.98
CA VAL A 97 9.71 8.91 -35.41
C VAL A 97 10.68 8.57 -34.29
N LYS A 98 11.77 9.33 -34.20
CA LYS A 98 12.74 9.16 -33.13
C LYS A 98 12.67 10.34 -32.16
N GLY A 99 12.92 10.06 -30.89
CA GLY A 99 12.90 11.10 -29.89
C GLY A 99 13.42 10.58 -28.57
N THR A 100 13.33 11.43 -27.55
CA THR A 100 13.74 11.02 -26.21
C THR A 100 12.56 10.36 -25.50
N GLU A 101 12.90 9.56 -24.47
CA GLU A 101 11.85 9.01 -23.62
C GLU A 101 11.04 10.13 -22.98
N ASP A 102 11.67 11.27 -22.67
CA ASP A 102 10.95 12.42 -22.15
C ASP A 102 9.95 12.97 -23.17
N ASP A 103 10.32 13.05 -24.45
CA ASP A 103 9.36 13.46 -25.49
C ASP A 103 8.12 12.59 -25.43
N LEU A 104 8.32 11.28 -25.39
CA LEU A 104 7.20 10.34 -25.44
C LEU A 104 6.35 10.46 -24.17
N ASP A 105 7.00 10.50 -23.01
CA ASP A 105 6.28 10.62 -21.74
C ASP A 105 5.45 11.89 -21.70
N GLU A 106 5.98 12.98 -22.26
CA GLU A 106 5.26 14.25 -22.28
C GLU A 106 3.99 14.16 -23.12
N LYS A 107 4.05 13.48 -24.27
CA LYS A 107 2.85 13.29 -25.07
C LYS A 107 1.83 12.40 -24.36
N LEU A 108 2.29 11.32 -23.73
CA LEU A 108 1.37 10.44 -23.03
C LEU A 108 0.76 11.13 -21.81
N THR A 109 1.54 11.97 -21.12
CA THR A 109 0.99 12.73 -20.00
C THR A 109 -0.17 13.61 -20.45
N ALA A 110 -0.01 14.31 -21.58
CA ALA A 110 -1.11 15.13 -22.06
C ALA A 110 -2.32 14.28 -22.41
N ALA A 111 -2.11 13.13 -23.03
CA ALA A 111 -3.25 12.30 -23.40
C ALA A 111 -3.93 11.71 -22.17
N MET A 112 -3.16 11.42 -21.12
CA MET A 112 -3.76 10.84 -19.91
C MET A 112 -4.65 11.84 -19.18
N GLY A 113 -4.32 13.13 -19.26
CA GLY A 113 -5.18 14.14 -18.67
C GLY A 113 -6.61 14.02 -19.16
N VAL A 114 -6.78 13.82 -20.47
CA VAL A 114 -8.11 13.63 -21.01
C VAL A 114 -8.65 12.24 -20.69
N THR A 115 -7.76 11.24 -20.66
CA THR A 115 -8.21 9.86 -20.46
C THR A 115 -8.78 9.66 -19.06
N TYR A 116 -8.17 10.30 -18.05
CA TYR A 116 -8.61 10.19 -16.66
C TYR A 116 -9.82 11.05 -16.33
N GLU A 117 -10.36 11.82 -17.29
CA GLU A 117 -11.10 13.03 -16.95
C GLU A 117 -12.08 12.95 -15.78
N GLY A 118 -12.99 11.98 -15.78
CA GLY A 118 -13.97 11.98 -14.69
C GLY A 118 -13.62 11.16 -13.45
N SER A 119 -12.34 10.81 -13.30
CA SER A 119 -11.97 9.86 -12.24
C SER A 119 -12.20 10.43 -10.84
N GLU A 120 -12.04 11.74 -10.66
CA GLU A 120 -12.28 12.34 -9.35
C GLU A 120 -13.75 12.28 -8.96
N GLU A 121 -14.65 12.37 -9.95
CA GLU A 121 -16.08 12.26 -9.69
C GLU A 121 -16.50 10.81 -9.49
N TYR A 122 -15.86 9.87 -10.20
CA TYR A 122 -16.24 8.48 -10.14
C TYR A 122 -15.62 7.76 -8.94
N PHE A 123 -14.39 8.11 -8.60
CA PHE A 123 -13.56 7.27 -7.74
C PHE A 123 -12.93 8.05 -6.58
N PRO A 124 -13.72 8.82 -5.81
CA PRO A 124 -13.12 9.45 -4.61
C PRO A 124 -12.42 8.44 -3.72
N ASN A 125 -13.01 7.25 -3.57
CA ASN A 125 -12.31 6.10 -3.01
C ASN A 125 -12.00 5.18 -4.18
N PRO A 126 -10.75 5.09 -4.64
CA PRO A 126 -10.47 4.29 -5.84
C PRO A 126 -10.62 2.79 -5.60
N HIS A 127 -10.83 2.37 -4.35
CA HIS A 127 -11.10 0.98 -4.05
C HIS A 127 -12.58 0.70 -3.92
N ASP A 128 -13.42 1.68 -4.28
CA ASP A 128 -14.87 1.49 -4.38
C ASP A 128 -15.27 1.82 -5.82
N PRO A 129 -14.90 0.96 -6.77
CA PRO A 129 -15.06 1.32 -8.19
C PRO A 129 -16.50 1.45 -8.65
N LEU A 130 -17.46 0.82 -7.97
CA LEU A 130 -18.85 0.91 -8.41
C LEU A 130 -19.68 1.81 -7.50
N TRP A 131 -19.02 2.71 -6.77
CA TRP A 131 -19.72 3.66 -5.91
C TRP A 131 -20.79 4.45 -6.66
N VAL A 132 -20.51 4.84 -7.91
CA VAL A 132 -21.45 5.65 -8.69
C VAL A 132 -22.77 4.92 -8.88
N LEU A 133 -22.75 3.60 -8.92
CA LEU A 133 -23.96 2.81 -9.10
C LEU A 133 -24.59 2.38 -7.78
N SER A 134 -24.02 2.79 -6.65
CA SER A 134 -24.54 2.46 -5.34
C SER A 134 -25.67 3.39 -4.94
N ASP A 135 -26.44 2.96 -3.93
CA ASP A 135 -27.42 3.86 -3.33
C ASP A 135 -26.78 4.93 -2.47
N ASP A 136 -25.51 4.75 -2.09
CA ASP A 136 -24.78 5.79 -1.38
C ASP A 136 -24.36 6.92 -2.30
N PHE A 137 -24.38 6.72 -3.62
CA PHE A 137 -23.95 7.76 -4.54
C PHE A 137 -24.77 9.03 -4.34
N ASP A 138 -24.08 10.15 -4.16
CA ASP A 138 -24.73 11.42 -3.84
C ASP A 138 -24.39 12.50 -4.86
N GLY A 139 -23.88 12.12 -6.02
CA GLY A 139 -23.55 13.07 -7.03
C GLY A 139 -24.69 13.28 -8.00
N PRO A 140 -24.49 14.15 -8.98
CA PRO A 140 -25.56 14.41 -9.95
C PRO A 140 -25.82 13.23 -10.85
N ALA A 141 -27.08 13.13 -11.31
CA ALA A 141 -27.46 12.03 -12.19
C ALA A 141 -26.63 11.99 -13.46
N GLU A 142 -26.13 13.14 -13.91
CA GLU A 142 -25.33 13.18 -15.13
C GLU A 142 -24.01 12.44 -14.96
N VAL A 143 -23.45 12.46 -13.74
CA VAL A 143 -22.22 11.70 -13.49
C VAL A 143 -22.47 10.21 -13.66
N ARG A 144 -23.59 9.71 -13.16
CA ARG A 144 -23.92 8.30 -13.37
C ARG A 144 -24.10 7.98 -14.84
N GLU A 145 -24.76 8.88 -15.58
CA GLU A 145 -24.96 8.62 -17.00
C GLU A 145 -23.63 8.59 -17.75
N ARG A 146 -22.71 9.50 -17.42
CA ARG A 146 -21.40 9.50 -18.08
C ARG A 146 -20.61 8.26 -17.70
N PHE A 147 -20.70 7.85 -16.44
CA PHE A 147 -20.06 6.63 -15.98
C PHE A 147 -20.48 5.44 -16.84
N LEU A 148 -21.78 5.24 -17.02
CA LEU A 148 -22.26 4.11 -17.79
C LEU A 148 -21.87 4.23 -19.25
N SER A 149 -21.89 5.45 -19.80
CA SER A 149 -21.46 5.66 -21.17
C SER A 149 -19.98 5.35 -21.35
N ASP A 150 -19.17 5.66 -20.33
CA ASP A 150 -17.74 5.42 -20.41
C ASP A 150 -17.41 3.93 -20.44
N ASP A 151 -18.27 3.08 -19.87
CA ASP A 151 -18.08 1.64 -19.99
C ASP A 151 -18.25 1.17 -21.43
N GLN A 152 -18.93 1.94 -22.27
CA GLN A 152 -19.16 1.60 -23.66
C GLN A 152 -18.24 2.34 -24.63
N THR A 153 -17.23 3.02 -24.11
CA THR A 153 -16.28 3.79 -24.90
C THR A 153 -14.89 3.24 -24.66
N ASN A 154 -14.07 3.15 -25.70
CA ASN A 154 -12.70 2.71 -25.47
C ASN A 154 -11.81 3.92 -25.18
N ALA A 155 -10.60 3.64 -24.67
CA ALA A 155 -9.73 4.70 -24.18
C ALA A 155 -9.13 5.53 -25.32
N ILE A 156 -9.00 4.95 -26.52
CA ILE A 156 -8.43 5.70 -27.63
C ILE A 156 -9.42 6.72 -28.14
N ASP A 157 -10.71 6.37 -28.16
CA ASP A 157 -11.72 7.28 -28.66
C ASP A 157 -11.79 8.56 -27.81
N LEU A 158 -11.51 8.47 -26.50
CA LEU A 158 -11.46 9.66 -25.66
C LEU A 158 -10.41 10.64 -26.17
N VAL A 159 -9.26 10.11 -26.61
CA VAL A 159 -8.17 10.95 -27.09
C VAL A 159 -8.49 11.50 -28.47
N LYS A 160 -9.10 10.68 -29.34
CA LYS A 160 -9.53 11.17 -30.64
C LYS A 160 -10.56 12.29 -30.50
N GLU A 161 -11.58 12.07 -29.65
CA GLU A 161 -12.64 13.05 -29.50
C GLU A 161 -12.14 14.36 -28.92
N ALA A 162 -11.03 14.35 -28.18
CA ALA A 162 -10.48 15.58 -27.63
C ALA A 162 -9.68 16.38 -28.65
N GLY A 163 -9.48 15.86 -29.86
CA GLY A 163 -8.81 16.61 -30.90
C GLY A 163 -7.31 16.45 -30.96
N PHE A 164 -6.75 15.42 -30.34
CA PHE A 164 -5.32 15.17 -30.46
C PHE A 164 -4.97 14.77 -31.89
N ASP A 165 -3.70 15.01 -32.25
CA ASP A 165 -3.28 14.68 -33.61
C ASP A 165 -3.01 13.17 -33.75
N GLN A 166 -2.76 12.79 -35.00
CA GLN A 166 -2.62 11.37 -35.31
C GLN A 166 -1.39 10.77 -34.62
N GLU A 167 -0.34 11.57 -34.46
CA GLU A 167 0.87 11.07 -33.79
C GLU A 167 0.56 10.67 -32.36
N THR A 168 -0.20 11.49 -31.63
CA THR A 168 -0.59 11.14 -30.26
C THR A 168 -1.56 9.96 -30.25
N ILE A 169 -2.52 9.94 -31.19
CA ILE A 169 -3.44 8.82 -31.28
C ILE A 169 -2.68 7.51 -31.47
N ASP A 170 -1.67 7.52 -32.35
CA ASP A 170 -0.89 6.31 -32.59
C ASP A 170 -0.09 5.89 -31.36
N LEU A 171 0.40 6.86 -30.58
CA LEU A 171 1.12 6.55 -29.35
C LEU A 171 0.19 5.95 -28.32
N VAL A 172 -1.01 6.51 -28.16
CA VAL A 172 -1.97 6.03 -27.20
C VAL A 172 -2.51 4.66 -27.61
N ASP A 173 -2.72 4.46 -28.92
CA ASP A 173 -3.04 3.15 -29.48
C ASP A 173 -2.01 2.11 -29.04
N ALA A 174 -0.73 2.39 -29.30
CA ALA A 174 0.32 1.47 -28.87
C ALA A 174 0.29 1.25 -27.37
N PHE A 175 0.14 2.32 -26.60
CA PHE A 175 0.18 2.23 -25.15
C PHE A 175 -0.90 1.31 -24.62
N TRP A 176 -2.12 1.43 -25.14
CA TRP A 176 -3.22 0.63 -24.63
C TRP A 176 -3.30 -0.75 -25.27
N CYS A 177 -2.71 -0.96 -26.45
CA CYS A 177 -2.47 -2.33 -26.88
C CYS A 177 -1.73 -3.11 -25.80
N ALA A 178 -0.72 -2.48 -25.22
CA ALA A 178 0.01 -3.12 -24.13
C ALA A 178 -0.82 -3.15 -22.85
N GLY A 179 -1.46 -2.03 -22.50
CA GLY A 179 -2.17 -1.96 -21.22
C GLY A 179 -3.36 -2.89 -21.16
N TYR A 180 -4.14 -2.94 -22.23
CA TYR A 180 -5.32 -3.79 -22.28
C TYR A 180 -5.01 -5.19 -22.78
N ILE A 181 -3.71 -5.46 -22.98
CA ILE A 181 -3.20 -6.76 -23.46
C ILE A 181 -4.04 -7.46 -24.52
N GLY A 182 -4.36 -6.72 -25.58
CA GLY A 182 -5.17 -7.23 -26.68
C GLY A 182 -5.59 -6.11 -27.60
N ASP A 183 -6.85 -6.09 -27.98
CA ASP A 183 -7.35 -5.03 -28.87
C ASP A 183 -7.91 -3.91 -28.01
N PRO A 184 -7.27 -2.73 -27.98
CA PRO A 184 -7.76 -1.68 -27.08
C PRO A 184 -9.07 -1.08 -27.57
N TYR A 185 -9.42 -1.30 -28.84
CA TYR A 185 -10.64 -0.70 -29.35
C TYR A 185 -11.90 -1.41 -28.84
N THR A 186 -11.76 -2.65 -28.35
CA THR A 186 -12.89 -3.35 -27.74
C THR A 186 -12.96 -3.14 -26.24
N GLY A 187 -12.03 -2.37 -25.68
CA GLY A 187 -11.91 -2.23 -24.24
C GLY A 187 -12.82 -1.16 -23.65
N SER A 188 -13.03 -1.27 -22.34
CA SER A 188 -13.74 -0.27 -21.54
C SER A 188 -12.79 0.81 -21.04
N ALA A 189 -13.09 2.07 -21.37
CA ALA A 189 -12.29 3.18 -20.87
C ALA A 189 -12.32 3.32 -19.35
N LEU A 190 -13.33 2.74 -18.68
CA LEU A 190 -13.36 2.85 -17.23
C LEU A 190 -12.17 2.14 -16.61
N MET A 191 -11.64 1.11 -17.27
CA MET A 191 -10.44 0.49 -16.72
C MET A 191 -9.31 1.50 -16.61
N ALA A 192 -9.06 2.25 -17.69
CA ALA A 192 -8.01 3.25 -17.69
C ALA A 192 -8.27 4.34 -16.66
N LYS A 193 -9.52 4.76 -16.52
CA LYS A 193 -9.86 5.78 -15.54
C LYS A 193 -9.60 5.31 -14.11
N GLN A 194 -9.89 4.03 -13.82
CA GLN A 194 -9.59 3.53 -12.48
C GLN A 194 -8.09 3.40 -12.24
N TRP A 195 -7.32 2.97 -13.25
CA TRP A 195 -5.87 2.98 -13.10
C TRP A 195 -5.39 4.38 -12.71
N GLY A 196 -5.94 5.40 -13.37
CA GLY A 196 -5.62 6.77 -12.98
C GLY A 196 -5.96 7.05 -11.53
N ALA A 197 -7.16 6.65 -11.11
CA ALA A 197 -7.62 6.93 -9.75
C ALA A 197 -6.72 6.28 -8.71
N LEU A 198 -6.23 5.08 -9.00
CA LEU A 198 -5.32 4.37 -8.12
C LEU A 198 -3.91 4.92 -8.16
N SER A 199 -3.65 5.88 -9.05
CA SER A 199 -2.32 6.42 -9.30
C SER A 199 -2.28 7.93 -9.12
N ASP A 200 -3.12 8.44 -8.21
CA ASP A 200 -3.21 9.88 -7.94
C ASP A 200 -3.47 10.69 -9.22
N ASN A 201 -4.09 10.05 -10.21
CA ASN A 201 -4.47 10.67 -11.48
C ASN A 201 -3.28 11.34 -12.18
N ARG A 202 -2.11 10.71 -12.08
CA ARG A 202 -0.91 11.21 -12.75
C ARG A 202 -0.26 10.07 -13.54
N TYR A 203 -0.01 10.34 -14.82
CA TYR A 203 0.63 9.34 -15.68
C TYR A 203 1.92 8.81 -15.07
N ARG A 204 2.79 9.71 -14.57
CA ARG A 204 4.08 9.25 -14.10
C ARG A 204 3.93 8.29 -12.92
N VAL A 205 2.96 8.55 -12.05
CA VAL A 205 2.72 7.63 -10.92
C VAL A 205 2.18 6.31 -11.42
N MET A 206 1.25 6.36 -12.37
CA MET A 206 0.73 5.12 -12.95
C MET A 206 1.86 4.26 -13.53
N GLU A 207 2.82 4.90 -14.20
CA GLU A 207 3.95 4.15 -14.75
C GLU A 207 4.92 3.70 -13.66
N ASP A 208 5.12 4.53 -12.63
CA ASP A 208 5.93 4.11 -11.50
C ASP A 208 5.35 2.87 -10.83
N ILE A 209 4.02 2.79 -10.74
CA ILE A 209 3.39 1.67 -10.05
C ILE A 209 3.44 0.41 -10.89
N THR A 210 3.24 0.53 -12.22
CA THR A 210 3.02 -0.66 -13.05
C THR A 210 4.20 -1.07 -13.91
N LEU A 211 5.21 -0.20 -14.10
CA LEU A 211 6.20 -0.47 -15.12
C LEU A 211 7.62 -0.06 -14.73
N LYS A 212 7.94 0.02 -13.43
CA LYS A 212 9.24 0.55 -13.04
C LYS A 212 10.04 -0.41 -12.17
N TRP A 213 9.53 -0.82 -11.02
CA TRP A 213 10.32 -1.56 -10.04
C TRP A 213 10.15 -3.07 -10.21
N LYS A 214 11.26 -3.78 -10.41
CA LYS A 214 11.29 -5.23 -10.59
C LYS A 214 11.82 -5.89 -9.32
N LEU A 215 11.36 -7.11 -9.05
CA LEU A 215 11.91 -7.88 -7.93
C LEU A 215 13.20 -8.57 -8.35
N ASN A 216 14.29 -8.27 -7.64
CA ASN A 216 15.59 -8.86 -7.97
C ASN A 216 15.51 -10.38 -7.94
N ASN A 217 14.79 -10.92 -6.96
CA ASN A 217 14.64 -12.36 -6.76
C ASN A 217 13.35 -12.89 -7.36
N GLY A 218 12.66 -12.09 -8.16
CA GLY A 218 11.53 -12.55 -8.94
C GLY A 218 10.27 -12.70 -8.12
N MET A 219 9.16 -12.85 -8.84
CA MET A 219 7.90 -13.15 -8.20
C MET A 219 7.96 -14.43 -7.41
N ARG A 220 8.85 -15.36 -7.79
CA ARG A 220 8.95 -16.61 -7.05
C ARG A 220 9.39 -16.38 -5.61
N SER A 221 10.12 -15.29 -5.33
CA SER A 221 10.47 -15.05 -3.94
C SER A 221 9.23 -14.81 -3.09
N LEU A 222 8.16 -14.28 -3.69
CA LEU A 222 6.92 -14.11 -2.97
C LEU A 222 6.04 -15.36 -2.99
N TYR A 223 5.84 -16.00 -4.16
CA TYR A 223 4.91 -17.14 -4.12
C TYR A 223 5.54 -18.35 -3.44
N ASP A 224 6.86 -18.54 -3.56
CA ASP A 224 7.50 -19.60 -2.78
C ASP A 224 7.50 -19.26 -1.30
N GLY A 225 7.58 -17.97 -0.96
CA GLY A 225 7.47 -17.56 0.42
C GLY A 225 6.12 -17.93 1.03
N ILE A 226 5.04 -17.61 0.32
CA ILE A 226 3.70 -17.94 0.83
C ILE A 226 3.54 -19.44 0.94
N ALA A 227 3.94 -20.18 -0.12
CA ALA A 227 3.85 -21.63 -0.08
C ALA A 227 4.64 -22.22 1.08
N GLY A 228 5.83 -21.66 1.36
CA GLY A 228 6.64 -22.17 2.44
C GLY A 228 6.02 -21.99 3.82
N ASP A 229 5.06 -21.08 3.94
CA ASP A 229 4.34 -20.89 5.20
C ASP A 229 3.22 -21.90 5.39
N LEU A 230 2.80 -22.59 4.34
CA LEU A 230 1.62 -23.44 4.42
C LEU A 230 1.98 -24.76 5.10
N ASN A 231 1.14 -25.19 6.04
CA ASN A 231 1.37 -26.45 6.71
C ASN A 231 0.72 -27.64 6.02
N THR A 232 0.06 -27.42 4.88
CA THR A 232 -0.60 -28.48 4.13
C THR A 232 0.00 -28.52 2.73
N ASP A 233 0.50 -29.69 2.32
CA ASP A 233 1.13 -29.81 1.02
C ASP A 233 0.15 -29.52 -0.11
N ILE A 234 0.64 -28.80 -1.12
CA ILE A 234 -0.15 -28.50 -2.31
C ILE A 234 -0.18 -29.74 -3.19
N ARG A 235 -1.35 -30.06 -3.73
CA ARG A 235 -1.49 -31.19 -4.63
C ARG A 235 -1.29 -30.71 -6.06
N LEU A 236 -0.07 -30.90 -6.58
CA LEU A 236 0.25 -30.58 -7.95
C LEU A 236 -0.33 -31.64 -8.88
N ASN A 237 -0.32 -31.34 -10.18
CA ASN A 237 -0.75 -32.30 -11.21
C ASN A 237 -2.14 -32.87 -10.94
N THR A 238 -3.01 -32.05 -10.37
CA THR A 238 -4.34 -32.47 -9.94
C THR A 238 -5.37 -31.47 -10.47
N PRO A 239 -5.67 -31.54 -11.77
CA PRO A 239 -6.71 -30.65 -12.31
C PRO A 239 -8.09 -31.01 -11.81
N VAL A 240 -8.87 -29.98 -11.49
CA VAL A 240 -10.27 -30.12 -11.12
C VAL A 240 -11.13 -30.14 -12.38
N ALA A 241 -12.00 -31.15 -12.48
CA ALA A 241 -12.91 -31.26 -13.62
C ALA A 241 -14.34 -30.84 -13.31
N LYS A 242 -14.80 -30.98 -12.08
CA LYS A 242 -16.17 -30.65 -11.74
C LYS A 242 -16.24 -30.05 -10.33
N VAL A 243 -17.18 -29.12 -10.16
CA VAL A 243 -17.47 -28.52 -8.85
C VAL A 243 -18.97 -28.59 -8.63
N GLU A 244 -19.39 -29.34 -7.61
CA GLU A 244 -20.75 -29.32 -7.09
C GLU A 244 -20.81 -28.37 -5.91
N HIS A 245 -21.78 -27.47 -5.88
CA HIS A 245 -21.82 -26.47 -4.82
C HIS A 245 -23.24 -26.23 -4.32
N HIS A 246 -23.39 -26.19 -3.00
CA HIS A 246 -24.72 -26.07 -2.38
C HIS A 246 -24.61 -25.15 -1.16
N ASP A 247 -25.69 -25.12 -0.36
CA ASP A 247 -25.79 -24.13 0.69
C ASP A 247 -24.86 -24.41 1.87
N ASN A 248 -24.60 -25.69 2.15
CA ASN A 248 -23.81 -26.07 3.32
C ASN A 248 -22.59 -26.92 2.99
N GLY A 249 -22.25 -27.07 1.72
CA GLY A 249 -21.08 -27.85 1.36
C GLY A 249 -20.90 -27.89 -0.14
N ALA A 250 -19.91 -28.68 -0.56
CA ALA A 250 -19.52 -28.77 -1.95
C ALA A 250 -18.78 -30.07 -2.19
N THR A 251 -18.65 -30.43 -3.47
CA THR A 251 -17.91 -31.61 -3.87
C THR A 251 -17.08 -31.27 -5.10
N VAL A 252 -15.80 -31.62 -5.08
CA VAL A 252 -14.90 -31.40 -6.21
C VAL A 252 -14.50 -32.76 -6.77
N THR A 253 -14.54 -32.89 -8.10
CA THR A 253 -14.06 -34.08 -8.79
C THR A 253 -12.85 -33.71 -9.63
N THR A 254 -11.76 -34.46 -9.47
CA THR A 254 -10.58 -34.22 -10.29
C THR A 254 -10.73 -34.92 -11.64
N GLU A 255 -9.76 -34.67 -12.52
CA GLU A 255 -9.80 -35.26 -13.86
C GLU A 255 -9.60 -36.77 -13.81
N SER A 256 -8.86 -37.25 -12.82
CA SER A 256 -8.69 -38.69 -12.62
C SER A 256 -9.91 -39.34 -11.98
N GLY A 257 -10.90 -38.56 -11.58
CA GLY A 257 -12.13 -39.10 -11.03
C GLY A 257 -12.22 -39.08 -9.52
N GLU A 258 -11.18 -38.65 -8.83
CA GLU A 258 -11.22 -38.60 -7.37
C GLU A 258 -12.23 -37.56 -6.91
N VAL A 259 -13.04 -37.92 -5.94
CA VAL A 259 -14.10 -37.06 -5.41
C VAL A 259 -13.69 -36.58 -4.02
N ILE A 260 -13.72 -35.27 -3.82
CA ILE A 260 -13.27 -34.64 -2.58
C ILE A 260 -14.41 -33.80 -2.04
N GLU A 261 -14.88 -34.13 -0.84
CA GLU A 261 -15.92 -33.34 -0.21
C GLU A 261 -15.30 -32.12 0.47
N ALA A 262 -16.07 -31.03 0.47
CA ALA A 262 -15.57 -29.75 0.96
C ALA A 262 -16.70 -28.98 1.62
N SER A 263 -16.35 -28.17 2.61
CA SER A 263 -17.32 -27.23 3.17
C SER A 263 -17.49 -26.01 2.27
N ALA A 264 -16.46 -25.66 1.51
CA ALA A 264 -16.53 -24.57 0.56
C ALA A 264 -15.44 -24.76 -0.48
N VAL A 265 -15.60 -24.13 -1.63
CA VAL A 265 -14.61 -24.15 -2.70
C VAL A 265 -14.25 -22.70 -3.03
N ILE A 266 -12.95 -22.40 -3.04
CA ILE A 266 -12.44 -21.14 -3.53
C ILE A 266 -11.78 -21.42 -4.87
N CYS A 267 -12.41 -20.96 -5.95
CA CYS A 267 -11.95 -21.26 -7.30
C CYS A 267 -11.19 -20.04 -7.84
N THR A 268 -9.90 -20.22 -8.10
CA THR A 268 -9.07 -19.14 -8.64
C THR A 268 -8.77 -19.31 -10.11
N VAL A 269 -9.37 -20.30 -10.76
CA VAL A 269 -9.18 -20.55 -12.18
C VAL A 269 -9.63 -19.32 -12.97
N PRO A 270 -8.81 -18.78 -13.86
CA PRO A 270 -9.23 -17.58 -14.60
C PRO A 270 -10.32 -17.88 -15.61
N VAL A 271 -11.01 -16.81 -16.01
CA VAL A 271 -12.13 -16.91 -16.96
C VAL A 271 -11.70 -17.64 -18.23
N GLY A 272 -10.46 -17.41 -18.68
CA GLY A 272 -9.99 -18.08 -19.89
C GLY A 272 -9.89 -19.58 -19.77
N ALA A 273 -9.97 -20.11 -18.56
CA ALA A 273 -9.86 -21.55 -18.34
C ALA A 273 -11.06 -22.13 -17.60
N LEU A 274 -12.09 -21.33 -17.31
CA LEU A 274 -13.22 -21.84 -16.55
C LEU A 274 -14.05 -22.86 -17.34
N SER A 275 -14.01 -22.81 -18.67
CA SER A 275 -14.76 -23.79 -19.43
C SER A 275 -14.23 -25.21 -19.28
N ASN A 276 -13.05 -25.39 -18.68
CA ASN A 276 -12.56 -26.74 -18.38
C ASN A 276 -13.32 -27.40 -17.24
N ILE A 277 -14.14 -26.65 -16.51
CA ILE A 277 -14.76 -27.13 -15.28
C ILE A 277 -16.27 -27.18 -15.46
N GLU A 278 -16.87 -28.29 -15.07
CA GLU A 278 -18.32 -28.41 -15.03
C GLU A 278 -18.81 -27.99 -13.66
N PHE A 279 -19.74 -27.02 -13.64
CA PHE A 279 -20.31 -26.48 -12.40
C PHE A 279 -21.75 -26.94 -12.26
N SER A 280 -22.08 -27.49 -11.09
CA SER A 280 -23.43 -27.94 -10.79
C SER A 280 -23.84 -27.42 -9.42
N PRO A 281 -24.84 -26.51 -9.34
CA PRO A 281 -25.60 -26.00 -10.48
C PRO A 281 -24.78 -25.12 -11.41
N ALA A 282 -25.34 -24.83 -12.59
CA ALA A 282 -24.66 -23.97 -13.55
C ALA A 282 -24.43 -22.58 -12.95
N LEU A 283 -23.34 -21.95 -13.38
CA LEU A 283 -23.05 -20.60 -12.93
C LEU A 283 -24.14 -19.65 -13.43
N PRO A 284 -24.39 -18.55 -12.72
CA PRO A 284 -25.40 -17.59 -13.16
C PRO A 284 -25.16 -17.16 -14.60
N ASP A 285 -26.25 -16.81 -15.29
CA ASP A 285 -26.17 -16.48 -16.71
C ASP A 285 -25.26 -15.29 -16.96
N ALA A 286 -25.33 -14.26 -16.11
CA ALA A 286 -24.49 -13.08 -16.28
C ALA A 286 -23.01 -13.45 -16.15
N VAL A 287 -22.69 -14.38 -15.26
CA VAL A 287 -21.32 -14.88 -15.16
C VAL A 287 -20.95 -15.69 -16.40
N GLN A 288 -21.86 -16.55 -16.87
CA GLN A 288 -21.61 -17.33 -18.06
C GLN A 288 -21.37 -16.44 -19.28
N SER A 289 -22.09 -15.33 -19.34
CA SER A 289 -21.90 -14.40 -20.47
C SER A 289 -20.48 -13.85 -20.48
N VAL A 290 -19.92 -13.56 -19.31
CA VAL A 290 -18.54 -13.08 -19.25
C VAL A 290 -17.57 -14.18 -19.66
N ILE A 291 -17.82 -15.41 -19.20
CA ILE A 291 -16.96 -16.53 -19.58
C ILE A 291 -16.99 -16.74 -21.09
N ASP A 292 -18.18 -16.64 -21.70
CA ASP A 292 -18.28 -16.78 -23.16
C ASP A 292 -17.54 -15.66 -23.88
N ASP A 293 -17.71 -14.44 -23.45
CA ASP A 293 -17.13 -13.33 -24.14
C ASP A 293 -15.65 -13.26 -23.98
N LYS A 294 -15.26 -13.65 -22.77
CA LYS A 294 -13.94 -13.61 -22.15
C LYS A 294 -13.63 -12.16 -21.74
N TRP A 295 -12.51 -12.01 -21.07
CA TRP A 295 -11.89 -10.71 -20.88
C TRP A 295 -11.26 -10.24 -22.18
N ASN A 296 -10.76 -9.00 -22.17
CA ASN A 296 -10.12 -8.44 -23.36
C ASN A 296 -8.63 -8.66 -23.21
N SER A 297 -8.26 -9.89 -22.89
CA SER A 297 -6.86 -10.26 -22.68
C SER A 297 -6.45 -11.35 -23.67
N GLN A 298 -6.04 -10.93 -24.87
CA GLN A 298 -5.65 -11.83 -25.93
C GLN A 298 -4.20 -11.64 -26.40
N GLY A 299 -3.45 -10.75 -25.75
CA GLY A 299 -2.11 -10.41 -26.18
C GLY A 299 -1.05 -11.33 -25.61
N ALA A 300 0.19 -10.86 -25.64
CA ALA A 300 1.31 -11.70 -25.27
C ALA A 300 2.50 -10.85 -24.87
N LYS A 301 3.39 -11.46 -24.09
CA LYS A 301 4.62 -10.84 -23.59
C LYS A 301 5.84 -11.61 -24.10
N ILE A 302 6.81 -10.88 -24.68
CA ILE A 302 8.00 -11.46 -25.26
C ILE A 302 9.25 -10.94 -24.56
N TRP A 303 10.31 -11.76 -24.56
CA TRP A 303 11.65 -11.35 -24.17
C TRP A 303 12.57 -11.56 -25.37
N ILE A 304 13.15 -10.47 -25.88
CA ILE A 304 13.97 -10.50 -27.09
C ILE A 304 15.40 -10.17 -26.72
N LYS A 305 16.37 -10.93 -27.25
CA LYS A 305 17.77 -10.66 -27.03
C LYS A 305 18.43 -10.18 -28.31
N ILE A 306 19.08 -9.01 -28.26
CA ILE A 306 19.74 -8.43 -29.42
C ILE A 306 21.23 -8.27 -29.12
N LYS A 307 22.02 -8.18 -30.20
CA LYS A 307 23.45 -7.96 -30.07
C LYS A 307 23.74 -6.53 -29.62
N GLY A 308 24.74 -6.38 -28.76
CA GLY A 308 25.15 -5.08 -28.27
C GLY A 308 24.34 -4.61 -27.07
N HIS A 309 24.79 -3.52 -26.47
CA HIS A 309 24.09 -2.86 -25.38
C HIS A 309 23.38 -1.65 -25.96
N HIS A 310 22.05 -1.69 -25.96
CA HIS A 310 21.23 -0.65 -26.56
C HIS A 310 20.13 -0.25 -25.60
N ARG A 311 20.02 1.06 -25.36
CA ARG A 311 18.98 1.64 -24.52
C ARG A 311 17.84 2.02 -25.46
N PHE A 312 16.84 1.16 -25.55
CA PHE A 312 15.85 1.22 -26.61
C PHE A 312 14.44 1.24 -26.03
N LEU A 313 13.59 2.06 -26.63
CA LEU A 313 12.16 2.08 -26.34
C LEU A 313 11.41 2.23 -27.66
N GLY A 314 10.44 1.38 -27.91
CA GLY A 314 9.70 1.41 -29.16
C GLY A 314 8.21 1.30 -28.91
N TYR A 315 7.44 2.13 -29.60
CA TYR A 315 5.98 2.08 -29.60
C TYR A 315 5.48 1.86 -31.03
N ALA A 316 4.42 1.05 -31.17
CA ALA A 316 3.79 0.85 -32.50
C ALA A 316 2.33 0.48 -32.31
N PRO A 317 1.43 1.06 -33.11
CA PRO A 317 0.00 0.81 -32.90
C PRO A 317 -0.45 -0.53 -33.47
N LYS A 318 -1.67 -0.90 -33.10
CA LYS A 318 -2.32 -2.05 -33.70
C LYS A 318 -2.25 -1.92 -35.22
N PRO A 319 -1.99 -3.01 -35.97
CA PRO A 319 -1.84 -4.41 -35.58
C PRO A 319 -0.40 -4.93 -35.45
N ALA A 320 0.52 -4.11 -34.97
CA ALA A 320 1.91 -4.53 -34.85
C ALA A 320 2.03 -5.81 -34.00
N LYS A 321 3.04 -6.61 -34.33
CA LYS A 321 3.33 -7.80 -33.52
C LYS A 321 3.56 -7.43 -32.06
N MET A 322 4.31 -6.37 -31.81
CA MET A 322 4.53 -5.85 -30.47
C MET A 322 4.32 -4.34 -30.49
N SER A 323 3.65 -3.82 -29.46
CA SER A 323 3.29 -2.42 -29.40
C SER A 323 4.17 -1.60 -28.48
N VAL A 324 4.74 -2.20 -27.43
CA VAL A 324 5.68 -1.50 -26.55
C VAL A 324 6.84 -2.47 -26.28
N VAL A 325 8.06 -2.05 -26.60
CA VAL A 325 9.28 -2.83 -26.39
C VAL A 325 10.30 -1.94 -25.70
N ARG A 326 10.92 -2.45 -24.63
CA ARG A 326 11.85 -1.64 -23.84
C ARG A 326 13.04 -2.47 -23.38
N SER A 327 14.24 -1.88 -23.44
CA SER A 327 15.41 -2.54 -22.84
C SER A 327 15.18 -2.82 -21.36
N GLU A 328 15.60 -4.00 -20.92
CA GLU A 328 15.48 -4.34 -19.51
C GLU A 328 16.78 -4.81 -18.88
N TYR A 329 17.58 -5.60 -19.59
CA TYR A 329 18.81 -6.17 -19.03
C TYR A 329 19.95 -6.05 -20.01
N PHE A 330 21.11 -5.66 -19.50
CA PHE A 330 22.33 -5.57 -20.29
C PHE A 330 23.26 -6.68 -19.83
N MET A 331 23.49 -7.65 -20.72
CA MET A 331 24.12 -8.91 -20.37
C MET A 331 25.63 -8.88 -20.64
N ASP A 332 26.34 -9.79 -19.96
CA ASP A 332 27.80 -9.80 -19.99
C ASP A 332 28.36 -10.25 -21.33
N ASP A 333 27.59 -10.96 -22.15
CA ASP A 333 28.06 -11.34 -23.48
C ASP A 333 27.77 -10.28 -24.52
N ASP A 334 27.66 -9.01 -24.10
CA ASP A 334 27.42 -7.88 -25.01
C ASP A 334 26.11 -8.07 -25.78
N THR A 335 25.03 -8.32 -25.04
CA THR A 335 23.68 -8.43 -25.58
C THR A 335 22.74 -7.68 -24.66
N THR A 336 21.58 -7.30 -25.20
CA THR A 336 20.53 -6.63 -24.44
C THR A 336 19.28 -7.49 -24.49
N ILE A 337 18.65 -7.69 -23.34
CA ILE A 337 17.33 -8.32 -23.28
C ILE A 337 16.29 -7.22 -23.17
N LEU A 338 15.34 -7.23 -24.10
CA LEU A 338 14.22 -6.31 -24.12
C LEU A 338 12.94 -7.07 -23.82
N VAL A 339 11.99 -6.38 -23.20
CA VAL A 339 10.65 -6.91 -22.96
C VAL A 339 9.69 -6.27 -23.95
N GLY A 340 8.69 -7.02 -24.37
CA GLY A 340 7.67 -6.47 -25.27
C GLY A 340 6.28 -6.97 -24.93
N PHE A 341 5.30 -6.11 -25.20
CA PHE A 341 3.88 -6.46 -25.07
C PHE A 341 3.17 -6.24 -26.40
N GLY A 342 2.37 -7.23 -26.81
CA GLY A 342 1.64 -7.14 -28.06
C GLY A 342 0.18 -7.49 -27.87
N TYR A 343 -0.66 -7.00 -28.78
CA TYR A 343 -2.10 -7.08 -28.59
C TYR A 343 -2.70 -8.42 -29.04
N ASP A 344 -1.98 -9.23 -29.81
CA ASP A 344 -2.55 -10.44 -30.43
C ASP A 344 -1.57 -11.61 -30.37
N ASN A 345 -1.83 -12.55 -29.45
CA ASN A 345 -0.95 -13.68 -29.28
C ASN A 345 -0.83 -14.52 -30.53
N THR A 346 -1.82 -14.47 -31.42
CA THR A 346 -1.74 -15.34 -32.60
C THR A 346 -0.91 -14.75 -33.72
N ASN A 347 -0.45 -13.50 -33.60
CA ASN A 347 0.34 -12.90 -34.67
C ASN A 347 1.84 -12.92 -34.38
N ILE A 348 2.25 -13.56 -33.29
CA ILE A 348 3.67 -13.62 -32.93
C ILE A 348 3.98 -14.97 -32.30
N ASP A 349 5.06 -15.61 -32.76
CA ASP A 349 5.65 -16.76 -32.10
C ASP A 349 6.74 -16.22 -31.18
N LEU A 350 6.50 -16.29 -29.87
CA LEU A 350 7.40 -15.69 -28.89
C LEU A 350 8.78 -16.33 -28.88
N ASN A 351 8.90 -17.52 -29.48
CA ASN A 351 10.15 -18.25 -29.46
C ASN A 351 10.80 -18.33 -30.84
N SER A 352 10.31 -17.55 -31.80
CA SER A 352 10.87 -17.54 -33.14
C SER A 352 11.78 -16.34 -33.32
N ILE A 353 13.06 -16.60 -33.61
CA ILE A 353 14.01 -15.51 -33.83
C ILE A 353 13.59 -14.64 -35.01
N GLU A 354 13.06 -15.24 -36.09
CA GLU A 354 12.59 -14.44 -37.22
C GLU A 354 11.44 -13.52 -36.82
N ASP A 355 10.51 -14.01 -36.01
CA ASP A 355 9.40 -13.17 -35.57
C ASP A 355 9.88 -12.04 -34.67
N ALA A 356 10.81 -12.35 -33.75
CA ALA A 356 11.36 -11.30 -32.90
C ALA A 356 12.15 -10.30 -33.72
N GLN A 357 12.85 -10.76 -34.77
CA GLN A 357 13.52 -9.84 -35.67
C GLN A 357 12.53 -8.92 -36.37
N ALA A 358 11.37 -9.46 -36.79
CA ALA A 358 10.33 -8.63 -37.37
C ALA A 358 9.85 -7.55 -36.38
N VAL A 359 9.77 -7.90 -35.10
CA VAL A 359 9.39 -6.91 -34.09
C VAL A 359 10.41 -5.77 -34.07
N ILE A 360 11.70 -6.12 -33.96
CA ILE A 360 12.72 -5.08 -33.88
C ILE A 360 12.74 -4.26 -35.17
N ASN A 361 12.50 -4.91 -36.31
CA ASN A 361 12.48 -4.23 -37.59
C ASN A 361 11.32 -3.24 -37.71
N GLN A 362 10.35 -3.27 -36.80
CA GLN A 362 9.32 -2.23 -36.80
C GLN A 362 9.95 -0.85 -36.66
N TRP A 363 11.11 -0.76 -36.01
CA TRP A 363 11.75 0.51 -35.67
C TRP A 363 13.19 0.64 -36.16
N ARG A 364 13.93 -0.43 -36.21
CA ARG A 364 15.30 -0.29 -36.64
C ARG A 364 15.72 -1.34 -37.62
N ASP A 365 16.62 -0.98 -38.51
CA ASP A 365 17.06 -1.94 -39.50
C ASP A 365 18.31 -2.63 -39.09
N ASP A 366 19.08 -1.92 -38.31
CA ASP A 366 20.35 -2.31 -37.81
C ASP A 366 20.38 -3.13 -36.54
N LEU A 367 19.65 -3.49 -35.88
CA LEU A 367 19.74 -4.29 -34.67
C LEU A 367 19.44 -5.77 -34.97
N GLU A 368 20.20 -6.73 -34.40
CA GLU A 368 20.15 -8.16 -34.66
C GLU A 368 19.78 -8.94 -33.40
N VAL A 369 18.64 -9.70 -33.67
CA VAL A 369 18.13 -10.63 -32.66
C VAL A 369 18.93 -11.93 -32.68
N VAL A 370 19.33 -12.29 -31.59
CA VAL A 370 20.06 -13.55 -31.45
C VAL A 370 19.33 -14.52 -30.54
N ASP A 371 18.33 -14.12 -29.77
CA ASP A 371 17.50 -15.11 -29.02
C ASP A 371 16.16 -14.49 -28.67
N THR A 372 15.18 -15.31 -28.34
CA THR A 372 13.86 -14.80 -27.97
C THR A 372 13.12 -15.85 -27.19
N THR A 373 12.21 -15.45 -26.30
CA THR A 373 11.49 -16.43 -25.51
C THR A 373 10.20 -15.82 -24.97
N GLY A 374 9.30 -16.71 -24.59
CA GLY A 374 8.07 -16.31 -23.94
C GLY A 374 7.18 -17.51 -23.76
N HIS A 375 6.15 -17.32 -22.95
CA HIS A 375 5.09 -18.32 -22.76
C HIS A 375 3.79 -17.69 -23.22
N ASN A 376 3.10 -18.34 -24.17
CA ASN A 376 1.83 -17.82 -24.66
C ASN A 376 0.71 -18.27 -23.73
N TRP A 377 0.42 -17.41 -22.73
CA TRP A 377 -0.62 -17.68 -21.77
C TRP A 377 -1.97 -17.93 -22.41
N VAL A 378 -2.26 -17.28 -23.54
CA VAL A 378 -3.59 -17.42 -24.12
C VAL A 378 -3.80 -18.83 -24.65
N ALA A 379 -2.74 -19.47 -25.17
CA ALA A 379 -2.81 -20.85 -25.65
C ALA A 379 -2.53 -21.89 -24.57
N ASP A 380 -2.43 -21.47 -23.32
CA ASP A 380 -2.19 -22.34 -22.17
C ASP A 380 -3.56 -22.69 -21.59
N LYS A 381 -3.93 -23.99 -21.65
CA LYS A 381 -5.30 -24.35 -21.29
C LYS A 381 -5.64 -24.02 -19.83
N TRP A 382 -4.64 -23.84 -18.97
CA TRP A 382 -4.91 -23.51 -17.57
C TRP A 382 -4.95 -22.00 -17.32
N ALA A 383 -4.76 -21.20 -18.36
CA ALA A 383 -4.89 -19.75 -18.24
C ALA A 383 -5.88 -19.23 -19.26
N GLY A 384 -5.57 -19.38 -20.55
CA GLY A 384 -6.46 -18.93 -21.61
C GLY A 384 -6.56 -17.44 -21.76
N GLN A 385 -5.62 -16.70 -21.18
CA GLN A 385 -5.63 -15.24 -21.15
C GLN A 385 -4.29 -14.79 -20.60
N ALA A 386 -3.94 -13.52 -20.84
CA ALA A 386 -2.81 -12.93 -20.14
C ALA A 386 -3.35 -12.34 -18.85
N TRP A 387 -2.99 -11.11 -18.48
CA TRP A 387 -3.66 -10.54 -17.32
C TRP A 387 -5.04 -10.04 -17.71
N GLY A 388 -5.98 -10.11 -16.77
CA GLY A 388 -7.36 -9.76 -17.09
C GLY A 388 -7.53 -8.28 -17.34
N THR A 389 -8.18 -7.92 -18.45
CA THR A 389 -8.51 -6.56 -18.83
C THR A 389 -9.95 -6.55 -19.34
N LEU A 390 -10.58 -5.37 -19.34
CA LEU A 390 -12.03 -5.27 -19.50
C LEU A 390 -12.44 -4.91 -20.93
N ARG A 391 -13.33 -5.71 -21.52
CA ARG A 391 -14.07 -5.27 -22.69
C ARG A 391 -15.13 -4.24 -22.30
N LYS A 392 -15.64 -3.52 -23.32
CA LYS A 392 -16.76 -2.62 -23.11
C LYS A 392 -17.87 -3.31 -22.34
N GLY A 393 -18.39 -2.62 -21.33
CA GLY A 393 -19.46 -3.14 -20.50
C GLY A 393 -19.03 -4.01 -19.34
N GLN A 394 -17.79 -4.46 -19.31
CA GLN A 394 -17.36 -5.37 -18.26
C GLN A 394 -16.93 -4.64 -16.99
N PHE A 395 -16.82 -3.32 -17.00
CA PHE A 395 -16.51 -2.64 -15.74
C PHE A 395 -17.73 -2.68 -14.81
N THR A 396 -18.93 -2.46 -15.36
CA THR A 396 -20.13 -2.44 -14.53
C THR A 396 -20.92 -3.74 -14.59
N GLN A 397 -20.76 -4.56 -15.64
CA GLN A 397 -21.46 -5.84 -15.74
C GLN A 397 -20.46 -6.92 -16.17
N GLY A 398 -19.41 -7.07 -15.36
CA GLY A 398 -18.37 -8.05 -15.64
C GLY A 398 -17.73 -8.61 -14.38
N TRP A 399 -16.61 -8.02 -13.97
CA TRP A 399 -15.80 -8.59 -12.89
C TRP A 399 -16.59 -8.71 -11.59
N SER A 400 -17.51 -7.79 -11.33
CA SER A 400 -18.22 -7.76 -10.05
C SER A 400 -19.29 -8.83 -9.94
N LEU A 401 -19.66 -9.47 -11.05
CA LEU A 401 -20.72 -10.47 -11.04
C LEU A 401 -20.29 -11.79 -10.42
N PHE A 402 -18.98 -12.00 -10.22
CA PHE A 402 -18.46 -13.26 -9.73
C PHE A 402 -18.56 -13.38 -8.22
N ASP A 403 -18.92 -12.29 -7.55
CA ASP A 403 -19.04 -12.30 -6.10
C ASP A 403 -20.04 -13.33 -5.60
N ASP A 404 -21.32 -13.10 -5.87
CA ASP A 404 -22.37 -14.01 -5.45
C ASP A 404 -22.51 -15.19 -6.39
N ILE A 405 -22.25 -16.39 -5.89
CA ILE A 405 -22.34 -17.61 -6.70
C ILE A 405 -23.22 -18.66 -6.02
N ASP A 406 -24.14 -17.94 -5.31
CA ASP A 406 -25.21 -18.31 -4.40
C ASP A 406 -24.66 -19.02 -3.20
N SER A 407 -24.28 -20.26 -3.41
CA SER A 407 -23.73 -21.20 -2.49
C SER A 407 -22.36 -20.97 -1.82
N GLN A 408 -21.75 -22.10 -1.47
CA GLN A 408 -20.44 -22.22 -0.95
C GLN A 408 -19.36 -22.33 -2.09
N LEU A 409 -19.56 -21.74 -3.29
CA LEU A 409 -18.58 -21.72 -4.37
C LEU A 409 -18.20 -20.25 -4.52
N PHE A 410 -16.97 -19.93 -4.12
CA PHE A 410 -16.47 -18.57 -4.13
C PHE A 410 -15.45 -18.42 -5.24
N PHE A 411 -15.49 -17.30 -5.95
CA PHE A 411 -14.49 -16.98 -6.96
C PHE A 411 -13.50 -15.96 -6.43
N ALA A 412 -12.22 -16.27 -6.55
CA ALA A 412 -11.17 -15.36 -6.12
C ALA A 412 -10.10 -15.31 -7.19
N GLY A 413 -9.42 -14.20 -7.28
CA GLY A 413 -8.41 -14.04 -8.31
C GLY A 413 -8.28 -12.56 -8.61
N SER A 414 -7.14 -12.22 -9.21
CA SER A 414 -6.89 -10.81 -9.52
C SER A 414 -7.99 -10.24 -10.39
N ASP A 415 -8.60 -11.07 -11.24
CA ASP A 415 -9.56 -10.54 -12.20
C ASP A 415 -10.85 -10.04 -11.55
N TYR A 416 -11.07 -10.33 -10.27
CA TYR A 416 -12.27 -9.91 -9.57
C TYR A 416 -12.00 -8.89 -8.47
N ALA A 417 -10.77 -8.37 -8.39
CA ALA A 417 -10.41 -7.47 -7.30
C ALA A 417 -11.06 -6.09 -7.45
N TYR A 418 -11.22 -5.41 -6.32
CA TYR A 418 -11.72 -4.05 -6.31
C TYR A 418 -10.68 -3.05 -6.78
N GLY A 419 -9.40 -3.34 -6.56
CA GLY A 419 -8.34 -2.37 -6.78
C GLY A 419 -7.60 -2.57 -8.09
N TRP A 420 -6.34 -3.04 -8.01
CA TRP A 420 -5.49 -3.27 -9.19
C TRP A 420 -5.89 -4.58 -9.86
N ARG A 421 -7.11 -4.56 -10.40
CA ARG A 421 -7.78 -5.73 -10.92
C ARG A 421 -7.11 -6.27 -12.19
N GLY A 422 -6.79 -7.57 -12.17
CA GLY A 422 -6.29 -8.30 -13.33
C GLY A 422 -4.82 -8.04 -13.64
N VAL A 423 -4.49 -6.75 -13.84
CA VAL A 423 -3.16 -6.36 -14.29
C VAL A 423 -2.07 -6.61 -13.24
N CYS A 424 -2.41 -6.72 -11.95
CA CYS A 424 -1.39 -6.78 -10.92
C CYS A 424 -1.59 -7.95 -9.97
N VAL A 425 -0.45 -8.49 -9.53
CA VAL A 425 -0.43 -9.43 -8.42
C VAL A 425 -1.16 -8.85 -7.21
N ASP A 426 -1.10 -7.51 -7.04
CA ASP A 426 -1.82 -6.87 -5.94
C ASP A 426 -3.29 -7.29 -5.91
N GLY A 427 -3.92 -7.42 -7.08
CA GLY A 427 -5.33 -7.79 -7.12
C GLY A 427 -5.56 -9.23 -6.72
N ALA A 428 -4.65 -10.12 -7.10
CA ALA A 428 -4.75 -11.52 -6.68
C ALA A 428 -4.58 -11.64 -5.19
N LEU A 429 -3.61 -10.90 -4.64
CA LEU A 429 -3.38 -10.97 -3.20
C LEU A 429 -4.54 -10.35 -2.45
N GLU A 430 -5.10 -9.25 -2.97
CA GLU A 430 -6.30 -8.65 -2.38
C GLU A 430 -7.44 -9.66 -2.35
N LYS A 431 -7.79 -10.21 -3.52
CA LYS A 431 -9.03 -10.95 -3.60
C LYS A 431 -8.91 -12.34 -3.02
N GLY A 432 -7.73 -12.96 -3.10
CA GLY A 432 -7.53 -14.23 -2.40
C GLY A 432 -7.72 -14.08 -0.91
N MET A 433 -7.20 -12.98 -0.35
CA MET A 433 -7.31 -12.79 1.09
C MET A 433 -8.74 -12.46 1.50
N THR A 434 -9.40 -11.55 0.78
CA THR A 434 -10.74 -11.16 1.19
C THR A 434 -11.75 -12.27 0.95
N THR A 435 -11.52 -13.12 -0.07
CA THR A 435 -12.42 -14.24 -0.28
C THR A 435 -12.26 -15.27 0.83
N ALA A 436 -11.01 -15.54 1.25
CA ALA A 436 -10.81 -16.35 2.45
C ALA A 436 -11.56 -15.77 3.65
N ARG A 437 -11.59 -14.43 3.78
CA ARG A 437 -12.33 -13.83 4.89
C ARG A 437 -13.83 -14.07 4.77
N GLN A 438 -14.38 -14.03 3.55
CA GLN A 438 -15.78 -14.39 3.36
C GLN A 438 -16.06 -15.80 3.85
N VAL A 439 -15.17 -16.74 3.52
CA VAL A 439 -15.33 -18.12 3.97
C VAL A 439 -15.17 -18.20 5.49
N ILE A 440 -14.18 -17.50 6.05
CA ILE A 440 -13.97 -17.47 7.49
C ILE A 440 -15.22 -16.93 8.19
N ASN A 441 -15.76 -15.82 7.70
CA ASN A 441 -16.91 -15.20 8.34
C ASN A 441 -18.12 -16.12 8.31
N SER A 442 -18.36 -16.77 7.17
CA SER A 442 -19.49 -17.69 7.06
C SER A 442 -19.38 -18.82 8.07
N MET A 443 -18.18 -19.36 8.27
CA MET A 443 -18.01 -20.46 9.21
C MET A 443 -18.11 -20.00 10.66
N ARG A 444 -17.70 -18.78 10.96
CA ARG A 444 -17.79 -18.27 12.31
C ARG A 444 -19.24 -17.93 12.67
N LYS B 5 5.12 -19.53 23.94
CA LYS B 5 6.53 -19.49 24.27
C LYS B 5 7.22 -18.21 23.79
N VAL B 6 6.78 -17.56 22.70
CA VAL B 6 7.17 -16.18 22.44
C VAL B 6 6.29 -15.26 23.28
N VAL B 7 6.91 -14.39 24.07
CA VAL B 7 6.18 -13.42 24.88
C VAL B 7 6.17 -12.09 24.13
N ILE B 8 4.97 -11.57 23.89
CA ILE B 8 4.79 -10.27 23.27
C ILE B 8 4.37 -9.29 24.36
N ILE B 9 5.12 -8.20 24.52
CA ILE B 9 4.81 -7.19 25.53
C ILE B 9 4.06 -6.06 24.84
N GLY B 10 2.78 -5.94 25.15
CA GLY B 10 1.97 -4.86 24.61
C GLY B 10 0.98 -5.35 23.56
N ALA B 11 -0.29 -4.94 23.70
CA ALA B 11 -1.35 -5.28 22.77
C ALA B 11 -1.82 -4.06 21.97
N GLY B 12 -0.86 -3.24 21.53
CA GLY B 12 -1.14 -2.30 20.47
C GLY B 12 -1.08 -2.99 19.13
N PHE B 13 -1.09 -2.18 18.07
CA PHE B 13 -1.10 -2.77 16.74
C PHE B 13 0.13 -3.63 16.49
N ALA B 14 1.31 -3.21 16.98
CA ALA B 14 2.49 -4.02 16.67
C ALA B 14 2.43 -5.37 17.34
N GLY B 15 1.99 -5.41 18.59
CA GLY B 15 1.93 -6.69 19.30
C GLY B 15 0.84 -7.60 18.75
N LEU B 16 -0.32 -7.03 18.44
CA LEU B 16 -1.43 -7.82 17.90
C LEU B 16 -1.05 -8.43 16.55
N VAL B 17 -0.48 -7.62 15.65
CA VAL B 17 -0.16 -8.17 14.34
C VAL B 17 0.99 -9.18 14.44
N ALA B 18 1.91 -8.99 15.40
CA ALA B 18 2.96 -9.99 15.59
C ALA B 18 2.39 -11.31 16.07
N ALA B 19 1.42 -11.26 17.00
CA ALA B 19 0.81 -12.47 17.51
C ALA B 19 0.09 -13.22 16.40
N ARG B 20 -0.64 -12.50 15.54
CA ARG B 20 -1.32 -13.14 14.42
C ARG B 20 -0.32 -13.76 13.46
N GLU B 21 0.82 -13.11 13.26
CA GLU B 21 1.82 -13.66 12.36
C GLU B 21 2.44 -14.94 12.92
N LEU B 22 2.76 -14.94 14.22
CA LEU B 22 3.26 -16.16 14.86
C LEU B 22 2.22 -17.27 14.81
N GLN B 23 0.96 -16.92 15.00
CA GLN B 23 -0.12 -17.90 14.95
C GLN B 23 -0.18 -18.58 13.60
N THR B 24 -0.01 -17.82 12.52
CA THR B 24 0.01 -18.41 11.18
C THR B 24 1.15 -19.42 11.05
N ALA B 25 2.28 -19.15 11.69
CA ALA B 25 3.43 -20.03 11.64
C ALA B 25 3.34 -21.18 12.63
N GLY B 26 2.28 -21.25 13.43
CA GLY B 26 2.16 -22.32 14.40
C GLY B 26 3.04 -22.17 15.61
N ILE B 27 3.49 -20.97 15.91
CA ILE B 27 4.38 -20.71 17.03
C ILE B 27 3.54 -20.25 18.22
N GLU B 28 3.77 -20.86 19.38
CA GLU B 28 3.03 -20.48 20.58
C GLU B 28 3.46 -19.11 21.09
N TYR B 29 2.51 -18.33 21.58
CA TYR B 29 2.78 -16.97 22.03
C TYR B 29 1.87 -16.65 23.21
N GLU B 30 2.22 -15.55 23.89
CA GLU B 30 1.38 -14.93 24.91
C GLU B 30 1.56 -13.43 24.79
N ILE B 31 0.46 -12.67 24.75
CA ILE B 31 0.52 -11.22 24.80
C ILE B 31 0.24 -10.78 26.22
N LEU B 32 1.15 -10.00 26.79
CA LEU B 32 0.98 -9.40 28.11
C LEU B 32 0.75 -7.90 27.91
N GLU B 33 -0.39 -7.40 28.37
CA GLU B 33 -0.77 -6.00 28.21
C GLU B 33 -0.96 -5.37 29.59
N ALA B 34 -0.34 -4.20 29.82
CA ALA B 34 -0.44 -3.55 31.12
C ALA B 34 -1.84 -3.01 31.42
N LYS B 35 -2.51 -2.46 30.41
CA LYS B 35 -3.82 -1.83 30.63
C LYS B 35 -4.93 -2.86 30.62
N ASP B 36 -6.16 -2.42 30.92
CA ASP B 36 -7.31 -3.30 30.81
C ASP B 36 -7.98 -3.20 29.45
N ARG B 37 -7.27 -2.70 28.45
CA ARG B 37 -7.80 -2.55 27.10
C ARG B 37 -6.66 -2.81 26.13
N ILE B 38 -7.02 -3.17 24.91
CA ILE B 38 -6.07 -3.31 23.82
C ILE B 38 -6.17 -2.08 22.93
N GLY B 39 -5.20 -1.95 22.02
CA GLY B 39 -5.16 -0.89 21.05
C GLY B 39 -4.02 0.09 21.26
N GLY B 40 -3.53 0.22 22.48
CA GLY B 40 -2.40 1.10 22.74
C GLY B 40 -2.71 2.55 22.39
N ARG B 41 -1.79 3.14 21.62
CA ARG B 41 -1.92 4.54 21.22
C ARG B 41 -2.97 4.74 20.13
N ALA B 42 -3.55 3.66 19.62
CA ALA B 42 -4.55 3.74 18.58
C ALA B 42 -5.95 3.72 19.18
N TRP B 43 -6.08 4.25 20.40
CA TRP B 43 -7.36 4.29 21.09
C TRP B 43 -8.44 4.94 20.23
N GLU B 45 -13.18 5.75 21.08
CA GLU B 45 -14.08 5.75 22.21
C GLU B 45 -15.19 6.74 22.09
N GLU B 46 -16.37 6.39 22.59
CA GLU B 46 -17.48 7.29 22.57
C GLU B 46 -17.29 8.46 23.52
N ARG B 47 -17.18 9.65 22.99
CA ARG B 47 -16.99 10.84 23.81
C ARG B 47 -17.71 11.97 23.09
N MET B 48 -18.25 12.91 23.83
CA MET B 48 -18.96 14.05 23.26
C MET B 48 -20.02 13.74 22.20
N GLY B 49 -20.61 12.56 22.34
CA GLY B 49 -21.70 12.14 21.49
C GLY B 49 -21.43 11.25 20.32
N ARG B 50 -20.19 10.87 20.13
CA ARG B 50 -19.84 10.00 19.02
C ARG B 50 -18.53 9.33 19.26
N PRO B 51 -18.23 8.31 18.46
CA PRO B 51 -16.92 7.67 18.56
C PRO B 51 -15.80 8.57 18.03
N LEU B 54 -8.94 8.77 20.26
CA LEU B 54 -8.12 9.59 21.19
C LEU B 54 -6.65 9.63 20.84
N GLY B 55 -6.33 8.73 19.93
CA GLY B 55 -5.04 8.50 19.39
C GLY B 55 -5.25 8.35 17.90
N ALA B 56 -4.77 7.27 17.35
CA ALA B 56 -4.92 7.05 15.96
C ALA B 56 -6.26 7.35 15.24
N THR B 57 -6.24 8.05 14.11
CA THR B 57 -7.33 8.50 13.23
C THR B 57 -7.30 8.32 11.64
N TRP B 58 -6.34 8.91 10.94
CA TRP B 58 -6.27 8.92 9.48
C TRP B 58 -5.51 7.78 8.82
N VAL B 59 -5.97 7.36 7.63
CA VAL B 59 -5.46 6.20 6.89
C VAL B 59 -5.41 6.54 5.41
N HIS B 60 -4.78 5.66 4.62
CA HIS B 60 -4.75 5.86 3.17
C HIS B 60 -4.37 4.55 2.49
N TRP B 61 -4.84 4.39 1.24
CA TRP B 61 -4.50 3.17 0.51
C TRP B 61 -3.04 3.13 0.07
N PHE B 62 -2.29 4.25 0.14
CA PHE B 62 -0.85 4.21 -0.09
C PHE B 62 -0.07 3.77 1.14
N GLN B 63 -0.73 3.39 2.23
CA GLN B 63 -0.10 2.80 3.39
C GLN B 63 -0.36 1.30 3.34
N ALA B 64 0.65 0.54 2.92
CA ALA B 64 0.44 -0.87 2.54
C ALA B 64 -0.11 -1.69 3.71
N HIS B 65 0.49 -1.55 4.89
CA HIS B 65 0.11 -2.44 5.98
C HIS B 65 -1.26 -2.04 6.54
N THR B 66 -1.49 -0.74 6.73
CA THR B 66 -2.81 -0.31 7.19
C THR B 66 -3.89 -0.68 6.19
N TRP B 67 -3.63 -0.45 4.89
CA TRP B 67 -4.70 -0.70 3.93
C TRP B 67 -5.02 -2.18 3.84
N THR B 68 -4.03 -3.07 3.96
CA THR B 68 -4.37 -4.50 3.91
C THR B 68 -5.29 -4.87 5.07
N GLU B 69 -5.09 -4.28 6.26
CA GLU B 69 -5.98 -4.59 7.37
C GLU B 69 -7.37 -4.00 7.15
N ILE B 70 -7.43 -2.78 6.63
CA ILE B 70 -8.73 -2.19 6.26
C ILE B 70 -9.50 -3.13 5.35
N MET B 71 -8.83 -3.69 4.34
CA MET B 71 -9.50 -4.63 3.45
C MET B 71 -9.89 -5.92 4.19
N ARG B 72 -8.97 -6.45 4.99
CA ARG B 72 -9.20 -7.72 5.68
C ARG B 72 -10.42 -7.67 6.58
N TYR B 73 -10.60 -6.57 7.33
CA TYR B 73 -11.65 -6.52 8.33
C TYR B 73 -12.88 -5.74 7.85
N GLY B 74 -13.07 -5.65 6.52
CA GLY B 74 -14.33 -5.19 5.97
C GLY B 74 -14.54 -3.70 5.92
N GLN B 75 -13.48 -2.89 6.01
CA GLN B 75 -13.59 -1.45 6.11
C GLN B 75 -13.31 -0.73 4.79
N ARG B 76 -13.26 -1.46 3.68
CA ARG B 76 -12.86 -0.91 2.38
C ARG B 76 -13.63 0.36 2.04
N THR B 77 -14.95 0.36 2.21
CA THR B 77 -15.77 1.51 1.88
C THR B 77 -16.14 2.34 3.09
N GLU B 78 -15.58 2.03 4.25
CA GLU B 78 -15.95 2.72 5.49
C GLU B 78 -14.92 3.77 5.87
N ILE B 79 -14.55 4.61 4.91
CA ILE B 79 -13.68 5.75 5.14
C ILE B 79 -14.38 7.00 4.62
N THR B 80 -14.11 8.12 5.29
CA THR B 80 -14.74 9.41 5.00
C THR B 80 -13.69 10.50 5.10
N ALA B 81 -13.71 11.42 4.14
CA ALA B 81 -12.73 12.50 4.12
C ALA B 81 -13.07 13.58 5.14
N SER B 82 -12.03 14.10 5.79
CA SER B 82 -12.20 15.21 6.70
C SER B 82 -12.73 16.43 5.96
N PRO B 83 -13.45 17.32 6.65
CA PRO B 83 -13.94 18.54 6.00
C PRO B 83 -12.81 19.33 5.35
N SER B 84 -13.06 19.80 4.12
CA SER B 84 -12.12 20.69 3.43
C SER B 84 -12.83 21.97 3.06
N GLY B 85 -12.10 22.88 2.40
CA GLY B 85 -12.68 24.17 2.06
C GLY B 85 -13.03 24.99 3.27
N ASN B 86 -12.29 24.86 4.36
CA ASN B 86 -12.56 25.59 5.58
C ASN B 86 -12.12 27.04 5.47
N ASP B 87 -12.69 27.90 6.32
CA ASP B 87 -12.17 29.25 6.49
C ASP B 87 -10.89 29.19 7.30
N ALA B 88 -9.77 29.64 6.72
CA ALA B 88 -8.46 29.49 7.32
C ALA B 88 -8.04 30.76 8.07
N HIS B 89 -7.35 30.57 9.19
CA HIS B 89 -6.83 31.64 10.01
C HIS B 89 -5.41 31.26 10.42
N TRP B 90 -4.47 32.22 10.38
CA TRP B 90 -3.13 31.90 10.84
C TRP B 90 -2.48 33.11 11.51
N VAL B 91 -1.66 32.82 12.51
CA VAL B 91 -1.06 33.77 13.43
C VAL B 91 0.26 34.55 13.25
N THR B 92 0.83 34.70 12.11
CA THR B 92 2.12 35.38 11.97
C THR B 92 2.41 36.77 12.62
N ASP B 93 3.56 36.89 13.25
CA ASP B 93 3.97 38.11 13.97
C ASP B 93 2.88 38.55 14.98
N GLY B 94 2.35 37.61 15.73
CA GLY B 94 1.33 37.90 16.69
C GLY B 94 -0.05 38.31 16.31
N LYS B 95 -0.37 38.37 15.03
CA LYS B 95 -1.68 38.78 14.64
C LYS B 95 -2.35 37.77 13.74
N VAL B 96 -3.65 37.76 13.65
CA VAL B 96 -4.35 36.83 12.82
C VAL B 96 -4.60 37.28 11.40
N VAL B 97 -4.27 36.41 10.47
CA VAL B 97 -4.52 36.62 9.06
C VAL B 97 -5.57 35.63 8.60
N LYS B 98 -6.52 36.08 7.79
CA LYS B 98 -7.60 35.23 7.30
C LYS B 98 -7.45 34.97 5.81
N GLY B 99 -7.83 33.77 5.39
CA GLY B 99 -7.77 33.40 3.99
C GLY B 99 -8.52 32.11 3.77
N THR B 100 -8.48 31.63 2.53
CA THR B 100 -9.06 30.35 2.21
C THR B 100 -8.10 29.23 2.58
N GLU B 101 -8.65 28.03 2.76
CA GLU B 101 -7.77 26.88 2.99
C GLU B 101 -6.84 26.66 1.81
N ASP B 102 -7.30 26.95 0.59
CA ASP B 102 -6.41 26.82 -0.57
C ASP B 102 -5.29 27.86 -0.53
N ASP B 103 -5.58 29.08 -0.06
CA ASP B 103 -4.51 30.06 0.16
C ASP B 103 -3.41 29.48 1.04
N LEU B 104 -3.80 28.92 2.18
CA LEU B 104 -2.83 28.36 3.11
C LEU B 104 -2.08 27.19 2.49
N ASP B 105 -2.80 26.30 1.79
CA ASP B 105 -2.17 25.15 1.16
C ASP B 105 -1.14 25.57 0.13
N GLU B 106 -1.41 26.66 -0.60
CA GLU B 106 -0.46 27.13 -1.60
C GLU B 106 0.84 27.56 -0.95
N LYS B 107 0.76 28.27 0.18
CA LYS B 107 1.98 28.72 0.85
C LYS B 107 2.74 27.53 1.42
N LEU B 108 2.03 26.57 2.01
CA LEU B 108 2.69 25.38 2.54
C LEU B 108 3.31 24.54 1.42
N THR B 109 2.64 24.46 0.26
CA THR B 109 3.20 23.73 -0.86
C THR B 109 4.54 24.33 -1.30
N ALA B 110 4.61 25.66 -1.43
CA ALA B 110 5.87 26.28 -1.82
C ALA B 110 6.97 25.98 -0.81
N ALA B 111 6.64 26.01 0.49
CA ALA B 111 7.64 25.72 1.50
C ALA B 111 8.07 24.26 1.48
N MET B 112 7.15 23.34 1.13
CA MET B 112 7.53 21.93 1.11
C MET B 112 8.53 21.61 0.01
N GLY B 113 8.52 22.39 -1.08
CA GLY B 113 9.50 22.17 -2.13
C GLY B 113 10.92 22.20 -1.61
N VAL B 114 11.25 23.21 -0.79
CA VAL B 114 12.60 23.25 -0.25
C VAL B 114 12.74 22.28 0.91
N THR B 115 11.64 21.98 1.62
CA THR B 115 11.70 21.04 2.74
C THR B 115 12.07 19.64 2.26
N TYR B 116 11.53 19.24 1.14
CA TYR B 116 11.79 17.92 0.62
C TYR B 116 13.08 17.77 -0.14
N GLU B 117 13.79 18.86 -0.36
CA GLU B 117 14.99 18.81 -1.17
C GLU B 117 15.99 17.77 -0.74
N GLY B 118 16.43 16.97 -1.68
CA GLY B 118 17.33 15.89 -1.38
C GLY B 118 16.60 14.57 -1.25
N SER B 119 15.28 14.58 -1.14
CA SER B 119 14.61 13.31 -0.94
C SER B 119 14.82 12.35 -2.11
N GLU B 120 14.96 12.85 -3.34
CA GLU B 120 15.17 11.93 -4.46
C GLU B 120 16.56 11.31 -4.42
N GLU B 121 17.54 12.06 -3.90
CA GLU B 121 18.88 11.52 -3.75
C GLU B 121 18.98 10.56 -2.57
N TYR B 122 18.28 10.88 -1.48
CA TYR B 122 18.38 10.06 -0.27
C TYR B 122 17.52 8.81 -0.33
N PHE B 123 16.33 8.90 -0.94
CA PHE B 123 15.30 7.88 -0.74
C PHE B 123 14.72 7.36 -2.06
N PRO B 124 15.56 6.89 -2.99
CA PRO B 124 14.98 6.28 -4.21
C PRO B 124 14.04 5.13 -3.87
N ASN B 125 14.38 4.34 -2.87
CA ASN B 125 13.43 3.42 -2.25
C ASN B 125 13.07 4.04 -0.91
N PRO B 126 11.89 4.64 -0.75
CA PRO B 126 11.58 5.35 0.50
C PRO B 126 11.37 4.41 1.66
N HIS B 127 11.40 3.10 1.44
CA HIS B 127 11.37 2.12 2.51
C HIS B 127 12.76 1.61 2.87
N ASP B 128 13.81 2.25 2.34
CA ASP B 128 15.20 2.02 2.74
C ASP B 128 15.78 3.35 3.19
N PRO B 129 15.38 3.83 4.37
CA PRO B 129 15.74 5.19 4.79
C PRO B 129 17.21 5.43 5.03
N LEU B 130 17.98 4.39 5.36
CA LEU B 130 19.40 4.56 5.63
C LEU B 130 20.27 4.04 4.49
N TRP B 131 19.70 3.96 3.30
CA TRP B 131 20.46 3.52 2.13
C TRP B 131 21.73 4.34 1.95
N VAL B 132 21.66 5.66 2.15
CA VAL B 132 22.80 6.55 1.93
C VAL B 132 23.98 6.16 2.82
N LEU B 133 23.73 5.57 3.99
CA LEU B 133 24.80 5.16 4.88
C LEU B 133 25.21 3.71 4.72
N SER B 134 24.59 2.98 3.79
CA SER B 134 24.88 1.57 3.58
C SER B 134 26.06 1.39 2.63
N ASP B 135 26.58 0.16 2.58
CA ASP B 135 27.64 -0.17 1.63
C ASP B 135 27.13 -0.21 0.20
N ASP B 136 25.82 -0.38 0.01
CA ASP B 136 25.24 -0.32 -1.33
C ASP B 136 25.22 1.08 -1.90
N PHE B 137 25.43 2.11 -1.08
CA PHE B 137 25.33 3.47 -1.58
C PHE B 137 26.39 3.75 -2.64
N ASP B 138 25.94 4.18 -3.82
CA ASP B 138 26.81 4.39 -4.97
C ASP B 138 26.82 5.84 -5.44
N GLY B 139 26.36 6.77 -4.60
CA GLY B 139 26.27 8.15 -5.00
C GLY B 139 27.46 8.96 -4.56
N PRO B 140 27.41 10.26 -4.81
CA PRO B 140 28.54 11.13 -4.42
C PRO B 140 28.66 11.27 -2.92
N ALA B 141 29.91 11.45 -2.47
CA ALA B 141 30.16 11.62 -1.04
C ALA B 141 29.46 12.87 -0.50
N GLU B 142 29.23 13.86 -1.36
CA GLU B 142 28.53 15.07 -0.91
C GLU B 142 27.08 14.78 -0.54
N VAL B 143 26.48 13.74 -1.15
CA VAL B 143 25.14 13.35 -0.76
C VAL B 143 25.13 12.80 0.66
N ARG B 144 26.11 11.95 1.00
CA ARG B 144 26.19 11.42 2.35
C ARG B 144 26.47 12.53 3.35
N GLU B 145 27.30 13.49 2.97
CA GLU B 145 27.62 14.61 3.85
C GLU B 145 26.36 15.43 4.15
N ARG B 146 25.59 15.76 3.13
CA ARG B 146 24.37 16.54 3.33
C ARG B 146 23.33 15.76 4.12
N PHE B 147 23.26 14.45 3.87
CA PHE B 147 22.35 13.58 4.63
C PHE B 147 22.62 13.68 6.12
N LEU B 148 23.87 13.48 6.53
CA LEU B 148 24.22 13.59 7.95
C LEU B 148 23.98 15.00 8.47
N SER B 149 24.27 16.02 7.67
CA SER B 149 24.04 17.39 8.12
C SER B 149 22.56 17.67 8.30
N ASP B 150 21.70 17.11 7.42
CA ASP B 150 20.26 17.32 7.53
C ASP B 150 19.68 16.67 8.79
N ASP B 151 20.32 15.63 9.33
CA ASP B 151 19.88 15.06 10.61
C ASP B 151 20.11 16.03 11.76
N GLN B 152 21.01 17.00 11.58
CA GLN B 152 21.30 17.99 12.62
C GLN B 152 20.61 19.32 12.38
N THR B 153 19.73 19.39 11.38
CA THR B 153 19.00 20.59 11.02
C THR B 153 17.51 20.35 11.23
N ASN B 154 16.79 21.35 11.73
CA ASN B 154 15.35 21.19 11.85
C ASN B 154 14.66 21.66 10.57
N ALA B 155 13.37 21.32 10.46
CA ALA B 155 12.64 21.58 9.23
C ALA B 155 12.31 23.06 9.04
N ILE B 156 12.26 23.83 10.13
CA ILE B 156 11.96 25.27 10.03
C ILE B 156 13.13 26.03 9.45
N ASP B 157 14.34 25.68 9.89
CA ASP B 157 15.54 26.38 9.43
C ASP B 157 15.77 26.21 7.93
N LEU B 158 15.35 25.08 7.36
CA LEU B 158 15.42 24.92 5.91
C LEU B 158 14.61 26.00 5.20
N VAL B 159 13.44 26.33 5.74
CA VAL B 159 12.59 27.32 5.11
C VAL B 159 13.13 28.72 5.35
N LYS B 160 13.65 28.99 6.54
CA LYS B 160 14.26 30.29 6.82
C LYS B 160 15.45 30.54 5.91
N GLU B 161 16.34 29.54 5.80
CA GLU B 161 17.57 29.70 5.02
C GLU B 161 17.29 29.88 3.53
N ALA B 162 16.15 29.38 3.05
CA ALA B 162 15.75 29.58 1.67
C ALA B 162 15.17 30.96 1.41
N GLY B 163 14.98 31.77 2.44
CA GLY B 163 14.57 33.16 2.25
C GLY B 163 13.08 33.42 2.27
N PHE B 164 12.28 32.49 2.76
CA PHE B 164 10.84 32.73 2.87
C PHE B 164 10.57 33.80 3.92
N ASP B 165 9.43 34.48 3.75
CA ASP B 165 9.12 35.57 4.65
C ASP B 165 8.55 35.02 5.96
N GLN B 166 8.34 35.94 6.91
CA GLN B 166 7.96 35.52 8.25
C GLN B 166 6.61 34.81 8.27
N GLU B 167 5.70 35.19 7.37
CA GLU B 167 4.40 34.55 7.34
C GLU B 167 4.53 33.06 7.03
N THR B 168 5.37 32.70 6.06
CA THR B 168 5.55 31.28 5.75
C THR B 168 6.33 30.59 6.85
N ILE B 169 7.32 31.26 7.44
CA ILE B 169 8.03 30.68 8.57
C ILE B 169 7.07 30.33 9.69
N ASP B 170 6.17 31.26 10.01
CA ASP B 170 5.22 30.99 11.08
C ASP B 170 4.22 29.90 10.70
N LEU B 171 3.88 29.78 9.41
CA LEU B 171 3.00 28.71 8.96
C LEU B 171 3.67 27.35 9.07
N VAL B 172 4.94 27.25 8.66
CA VAL B 172 5.61 25.95 8.76
C VAL B 172 5.98 25.62 10.21
N ASP B 173 6.25 26.63 11.03
CA ASP B 173 6.39 26.44 12.47
C ASP B 173 5.17 25.74 13.03
N ALA B 174 3.98 26.31 12.78
CA ALA B 174 2.73 25.70 13.23
C ALA B 174 2.56 24.29 12.66
N PHE B 175 2.81 24.15 11.35
CA PHE B 175 2.66 22.86 10.69
C PHE B 175 3.47 21.78 11.38
N TRP B 176 4.74 22.07 11.68
CA TRP B 176 5.62 21.05 12.22
C TRP B 176 5.52 20.92 13.73
N CYS B 177 4.99 21.93 14.42
CA CYS B 177 4.55 21.71 15.80
C CYS B 177 3.55 20.55 15.85
N ALA B 178 2.61 20.52 14.91
CA ALA B 178 1.67 19.41 14.86
C ALA B 178 2.32 18.14 14.35
N GLY B 179 3.14 18.24 13.30
CA GLY B 179 3.69 17.03 12.70
C GLY B 179 4.71 16.32 13.58
N TYR B 180 5.55 17.09 14.26
CA TYR B 180 6.58 16.54 15.13
C TYR B 180 6.09 16.37 16.57
N ILE B 181 4.79 16.58 16.77
CA ILE B 181 4.12 16.47 18.08
C ILE B 181 4.93 16.98 19.28
N GLY B 182 5.42 18.20 19.17
CA GLY B 182 6.21 18.82 20.23
C GLY B 182 6.92 20.06 19.72
N ASP B 183 8.19 20.21 20.07
CA ASP B 183 8.97 21.36 19.62
C ASP B 183 9.64 21.05 18.28
N PRO B 184 9.23 21.67 17.17
CA PRO B 184 9.86 21.33 15.89
C PRO B 184 11.29 21.80 15.80
N TYR B 185 11.71 22.76 16.63
CA TYR B 185 13.06 23.27 16.52
C TYR B 185 14.11 22.29 17.01
N THR B 186 13.72 21.31 17.82
CA THR B 186 14.66 20.27 18.23
C THR B 186 14.61 19.05 17.32
N GLY B 187 13.76 19.08 16.27
CA GLY B 187 13.54 17.90 15.45
C GLY B 187 14.53 17.75 14.31
N SER B 188 14.59 16.54 13.76
CA SER B 188 15.47 16.23 12.63
C SER B 188 14.71 16.45 11.33
N ALA B 189 15.27 17.28 10.44
CA ALA B 189 14.61 17.55 9.17
C ALA B 189 14.50 16.30 8.30
N LEU B 190 15.32 15.28 8.54
CA LEU B 190 15.23 14.08 7.71
C LEU B 190 13.89 13.38 7.90
N MET B 191 13.25 13.52 9.05
CA MET B 191 11.91 12.95 9.20
C MET B 191 10.96 13.54 8.17
N ALA B 192 10.95 14.86 8.03
CA ALA B 192 10.09 15.52 7.06
C ALA B 192 10.44 15.12 5.64
N LYS B 193 11.74 14.95 5.36
CA LYS B 193 12.13 14.55 4.01
C LYS B 193 11.66 13.15 3.69
N GLN B 194 11.69 12.22 4.65
CA GLN B 194 11.20 10.88 4.37
C GLN B 194 9.68 10.86 4.19
N TRP B 195 8.94 11.67 4.97
CA TRP B 195 7.51 11.81 4.71
C TRP B 195 7.28 12.25 3.27
N GLY B 196 8.07 13.20 2.80
CA GLY B 196 8.01 13.58 1.40
C GLY B 196 8.22 12.40 0.47
N ALA B 197 9.30 11.65 0.69
CA ALA B 197 9.65 10.53 -0.19
C ALA B 197 8.55 9.48 -0.22
N LEU B 198 7.87 9.25 0.92
CA LEU B 198 6.78 8.28 0.99
C LEU B 198 5.50 8.83 0.39
N SER B 199 5.47 10.10 0.00
CA SER B 199 4.30 10.81 -0.49
C SER B 199 4.56 11.36 -1.89
N ASP B 200 5.43 10.71 -2.65
CA ASP B 200 5.75 11.13 -4.02
C ASP B 200 6.25 12.58 -4.07
N ASN B 201 6.81 13.03 -2.95
CA ASN B 201 7.41 14.37 -2.83
C ASN B 201 6.42 15.47 -3.17
N ARG B 202 5.15 15.27 -2.81
CA ARG B 202 4.12 16.28 -3.02
C ARG B 202 3.37 16.53 -1.73
N TYR B 203 3.26 17.81 -1.36
CA TYR B 203 2.53 18.21 -0.18
C TYR B 203 1.12 17.63 -0.17
N ARG B 204 0.42 17.70 -1.31
CA ARG B 204 -0.97 17.27 -1.31
C ARG B 204 -1.09 15.78 -1.05
N VAL B 205 -0.19 14.97 -1.62
CA VAL B 205 -0.21 13.55 -1.34
C VAL B 205 0.11 13.29 0.13
N MET B 206 1.08 14.02 0.69
CA MET B 206 1.43 13.82 2.09
C MET B 206 0.22 14.09 3.00
N GLU B 207 -0.53 15.14 2.70
CA GLU B 207 -1.71 15.45 3.50
C GLU B 207 -2.85 14.50 3.23
N ASP B 208 -2.97 14.02 1.99
CA ASP B 208 -3.94 12.97 1.69
C ASP B 208 -3.66 11.70 2.48
N ILE B 209 -2.38 11.35 2.66
CA ILE B 209 -2.04 10.11 3.34
C ILE B 209 -2.23 10.23 4.86
N THR B 210 -1.87 11.38 5.40
CA THR B 210 -1.86 11.53 6.83
C THR B 210 -2.95 12.29 7.52
N LEU B 211 -3.74 13.03 6.77
CA LEU B 211 -4.70 13.94 7.37
C LEU B 211 -5.98 14.09 6.59
N LYS B 212 -6.44 13.05 5.92
CA LYS B 212 -7.65 13.17 5.11
C LYS B 212 -8.71 12.13 5.44
N TRP B 213 -8.42 10.84 5.27
CA TRP B 213 -9.43 9.80 5.33
C TRP B 213 -9.51 9.19 6.73
N LYS B 214 -10.70 9.23 7.33
CA LYS B 214 -10.95 8.66 8.65
C LYS B 214 -11.72 7.36 8.55
N LEU B 215 -11.46 6.45 9.51
CA LEU B 215 -12.22 5.21 9.59
C LEU B 215 -13.58 5.46 10.25
N ASN B 216 -14.66 5.17 9.52
CA ASN B 216 -16.00 5.36 10.07
C ASN B 216 -16.20 4.55 11.33
N ASN B 217 -15.64 3.34 11.37
CA ASN B 217 -15.79 2.47 12.53
C ASN B 217 -14.56 2.50 13.43
N GLY B 218 -13.65 3.44 13.19
CA GLY B 218 -12.55 3.72 14.08
C GLY B 218 -11.43 2.70 13.96
N MET B 219 -10.30 3.05 14.56
CA MET B 219 -9.18 2.11 14.66
C MET B 219 -9.59 0.83 15.36
N ARG B 220 -10.56 0.90 16.27
CA ARG B 220 -10.99 -0.31 16.98
C ARG B 220 -11.53 -1.35 16.01
N SER B 221 -12.08 -0.94 14.86
CA SER B 221 -12.52 -1.95 13.90
C SER B 221 -11.34 -2.80 13.41
N LEU B 222 -10.14 -2.23 13.37
CA LEU B 222 -8.98 -3.00 12.97
C LEU B 222 -8.33 -3.73 14.15
N TYR B 223 -8.12 -3.05 15.28
CA TYR B 223 -7.42 -3.78 16.34
C TYR B 223 -8.33 -4.81 16.99
N ASP B 224 -9.63 -4.56 17.10
CA ASP B 224 -10.51 -5.64 17.55
C ASP B 224 -10.60 -6.76 16.51
N GLY B 225 -10.46 -6.42 15.22
CA GLY B 225 -10.42 -7.46 14.20
C GLY B 225 -9.23 -8.38 14.37
N ILE B 226 -8.04 -7.81 14.55
CA ILE B 226 -6.84 -8.63 14.74
C ILE B 226 -6.97 -9.46 16.00
N ALA B 227 -7.39 -8.83 17.11
CA ALA B 227 -7.51 -9.58 18.36
C ALA B 227 -8.50 -10.73 18.22
N GLY B 228 -9.62 -10.48 17.53
CA GLY B 228 -10.60 -11.54 17.28
C GLY B 228 -10.09 -12.73 16.48
N ASP B 229 -8.98 -12.56 15.76
CA ASP B 229 -8.35 -13.66 15.05
C ASP B 229 -7.49 -14.53 15.95
N LEU B 230 -7.09 -14.05 17.13
CA LEU B 230 -6.11 -14.74 17.95
C LEU B 230 -6.75 -15.90 18.70
N ASN B 231 -6.06 -17.04 18.70
CA ASN B 231 -6.55 -18.20 19.42
C ASN B 231 -6.04 -18.28 20.84
N THR B 232 -5.28 -17.29 21.29
CA THR B 232 -4.74 -17.24 22.65
C THR B 232 -5.21 -15.97 23.33
N ASP B 233 -5.81 -16.11 24.51
CA ASP B 233 -6.35 -14.97 25.22
C ASP B 233 -5.25 -13.97 25.57
N ILE B 234 -5.53 -12.70 25.32
CA ILE B 234 -4.61 -11.65 25.74
C ILE B 234 -4.70 -11.50 27.25
N ARG B 235 -3.54 -11.37 27.90
CA ARG B 235 -3.49 -11.20 29.34
C ARG B 235 -3.47 -9.71 29.63
N LEU B 236 -4.64 -9.16 29.93
CA LEU B 236 -4.78 -7.76 30.31
C LEU B 236 -4.34 -7.56 31.76
N ASN B 237 -4.14 -6.30 32.14
CA ASN B 237 -3.79 -5.94 33.52
C ASN B 237 -2.55 -6.67 33.99
N THR B 238 -1.60 -6.89 33.08
CA THR B 238 -0.40 -7.69 33.36
C THR B 238 0.81 -6.93 32.86
N PRO B 239 1.21 -5.88 33.57
CA PRO B 239 2.42 -5.13 33.18
C PRO B 239 3.66 -5.96 33.40
N VAL B 240 4.58 -5.85 32.46
CA VAL B 240 5.88 -6.49 32.59
C VAL B 240 6.82 -5.56 33.34
N ALA B 241 7.52 -6.09 34.36
CA ALA B 241 8.46 -5.30 35.13
C ALA B 241 9.92 -5.56 34.79
N LYS B 242 10.25 -6.76 34.29
CA LYS B 242 11.64 -7.12 34.06
C LYS B 242 11.73 -8.04 32.85
N VAL B 243 12.78 -7.85 32.05
CA VAL B 243 13.08 -8.72 30.92
C VAL B 243 14.54 -9.14 31.05
N GLU B 244 14.78 -10.42 31.27
CA GLU B 244 16.10 -11.01 31.12
C GLU B 244 16.19 -11.60 29.74
N HIS B 245 17.26 -11.32 29.02
CA HIS B 245 17.33 -11.71 27.61
C HIS B 245 18.74 -12.21 27.28
N HIS B 246 18.80 -13.36 26.62
CA HIS B 246 20.08 -14.02 26.32
C HIS B 246 19.99 -14.59 24.90
N ASP B 247 21.02 -15.33 24.51
CA ASP B 247 21.12 -15.75 23.12
C ASP B 247 20.09 -16.83 22.77
N ASN B 248 19.65 -17.63 23.73
CA ASN B 248 18.75 -18.72 23.43
C ASN B 248 17.33 -18.49 23.95
N GLY B 249 17.06 -17.34 24.56
CA GLY B 249 15.72 -17.10 25.06
C GLY B 249 15.69 -15.91 25.99
N ALA B 250 14.64 -15.84 26.79
CA ALA B 250 14.42 -14.73 27.68
C ALA B 250 13.55 -15.18 28.84
N THR B 251 13.50 -14.35 29.86
CA THR B 251 12.63 -14.56 31.01
C THR B 251 11.97 -13.22 31.32
N VAL B 252 10.64 -13.23 31.41
CA VAL B 252 9.84 -12.05 31.69
C VAL B 252 9.26 -12.19 33.09
N THR B 253 9.38 -11.13 33.90
CA THR B 253 8.73 -11.07 35.20
C THR B 253 7.67 -9.98 35.20
N THR B 254 6.45 -10.34 35.61
CA THR B 254 5.38 -9.35 35.66
C THR B 254 5.45 -8.55 36.96
N GLU B 255 4.61 -7.51 37.02
CA GLU B 255 4.58 -6.67 38.22
C GLU B 255 4.13 -7.47 39.44
N SER B 256 3.32 -8.50 39.25
CA SER B 256 2.90 -9.33 40.37
C SER B 256 3.94 -10.38 40.75
N GLY B 257 5.09 -10.43 40.05
CA GLY B 257 6.13 -11.38 40.36
C GLY B 257 6.10 -12.68 39.60
N GLU B 258 5.12 -12.87 38.72
CA GLU B 258 5.06 -14.10 37.92
C GLU B 258 6.21 -14.13 36.92
N VAL B 259 6.83 -15.29 36.79
CA VAL B 259 8.00 -15.47 35.93
C VAL B 259 7.61 -16.34 34.74
N ILE B 260 7.86 -15.84 33.53
CA ILE B 260 7.48 -16.53 32.31
C ILE B 260 8.73 -16.74 31.47
N GLU B 261 9.04 -18.00 31.17
CA GLU B 261 10.17 -18.34 30.33
C GLU B 261 9.75 -18.28 28.86
N ALA B 262 10.63 -17.75 28.03
CA ALA B 262 10.28 -17.51 26.63
C ALA B 262 11.43 -17.89 25.71
N SER B 263 11.07 -18.28 24.48
CA SER B 263 12.07 -18.46 23.43
C SER B 263 12.49 -17.12 22.83
N ALA B 264 11.64 -16.11 22.95
CA ALA B 264 11.91 -14.77 22.42
C ALA B 264 10.92 -13.82 23.08
N VAL B 265 11.30 -12.55 23.15
CA VAL B 265 10.42 -11.49 23.65
C VAL B 265 10.32 -10.43 22.56
N ILE B 266 9.09 -10.11 22.16
CA ILE B 266 8.83 -9.01 21.24
C ILE B 266 8.29 -7.86 22.08
N CYS B 267 9.11 -6.84 22.28
CA CYS B 267 8.77 -5.74 23.19
C CYS B 267 8.27 -4.56 22.36
N THR B 268 6.98 -4.23 22.51
CA THR B 268 6.38 -3.12 21.79
C THR B 268 6.18 -1.90 22.68
N VAL B 269 6.73 -1.92 23.89
CA VAL B 269 6.61 -0.79 24.80
C VAL B 269 7.33 0.42 24.20
N PRO B 270 6.69 1.58 24.09
CA PRO B 270 7.39 2.73 23.50
C PRO B 270 8.49 3.26 24.41
N VAL B 271 9.41 3.99 23.77
CA VAL B 271 10.58 4.57 24.44
C VAL B 271 10.16 5.34 25.69
N GLY B 272 9.08 6.11 25.59
CA GLY B 272 8.62 6.91 26.73
C GLY B 272 8.17 6.10 27.92
N ALA B 273 8.01 4.79 27.75
CA ALA B 273 7.60 3.90 28.83
C ALA B 273 8.60 2.80 29.11
N LEU B 274 9.74 2.77 28.40
CA LEU B 274 10.70 1.70 28.61
C LEU B 274 11.35 1.77 29.99
N SER B 275 11.36 2.94 30.63
CA SER B 275 11.94 3.05 31.96
C SER B 275 11.18 2.27 33.02
N ASN B 276 9.94 1.83 32.74
CA ASN B 276 9.21 0.97 33.67
C ASN B 276 9.75 -0.44 33.72
N ILE B 277 10.62 -0.83 32.79
CA ILE B 277 11.10 -2.21 32.69
C ILE B 277 12.58 -2.25 33.00
N GLU B 278 12.97 -3.20 33.86
CA GLU B 278 14.38 -3.48 34.12
C GLU B 278 14.85 -4.50 33.10
N PHE B 279 15.87 -4.15 32.31
CA PHE B 279 16.46 -5.05 31.33
C PHE B 279 17.75 -5.64 31.89
N SER B 280 17.89 -6.95 31.78
CA SER B 280 19.09 -7.65 32.25
C SER B 280 19.54 -8.60 31.14
N PRO B 281 20.68 -8.33 30.48
CA PRO B 281 21.59 -7.20 30.71
C PRO B 281 21.02 -5.85 30.31
N ALA B 282 21.64 -4.79 30.80
CA ALA B 282 21.26 -3.44 30.40
C ALA B 282 21.31 -3.31 28.89
N LEU B 283 20.42 -2.46 28.36
CA LEU B 283 20.42 -2.20 26.93
C LEU B 283 21.74 -1.50 26.54
N PRO B 284 22.14 -1.62 25.28
CA PRO B 284 23.36 -0.96 24.81
C PRO B 284 23.35 0.54 25.08
N ASP B 285 24.54 1.10 25.30
CA ASP B 285 24.67 2.51 25.65
C ASP B 285 24.01 3.42 24.61
N ALA B 286 24.15 3.09 23.32
CA ALA B 286 23.60 3.94 22.27
C ALA B 286 22.08 3.93 22.28
N VAL B 287 21.50 2.76 22.58
CA VAL B 287 20.05 2.65 22.76
C VAL B 287 19.61 3.38 24.01
N GLN B 288 20.34 3.19 25.12
CA GLN B 288 20.00 3.91 26.34
C GLN B 288 20.05 5.42 26.14
N SER B 289 20.93 5.92 25.28
CA SER B 289 20.98 7.36 25.05
C SER B 289 19.71 7.85 24.39
N VAL B 290 19.14 7.06 23.46
CA VAL B 290 17.87 7.46 22.86
C VAL B 290 16.77 7.45 23.90
N ILE B 291 16.74 6.43 24.76
CA ILE B 291 15.73 6.33 25.80
C ILE B 291 15.83 7.52 26.76
N ASP B 292 17.03 7.87 27.15
CA ASP B 292 17.20 9.01 28.03
C ASP B 292 16.76 10.31 27.39
N ASP B 293 17.12 10.52 26.14
CA ASP B 293 16.76 11.74 25.46
C ASP B 293 15.31 11.81 25.11
N LYS B 294 14.74 10.65 24.86
CA LYS B 294 13.39 10.39 24.37
C LYS B 294 13.15 10.84 22.93
N TRP B 295 11.99 10.50 22.44
CA TRP B 295 11.60 11.00 21.13
C TRP B 295 11.16 12.50 21.28
N ASN B 296 10.94 13.15 20.18
CA ASN B 296 10.54 14.55 20.16
C ASN B 296 9.06 14.77 20.45
N SER B 297 8.31 13.75 20.86
CA SER B 297 6.85 13.81 20.91
C SER B 297 6.38 14.13 22.33
N GLN B 298 6.35 15.43 22.63
CA GLN B 298 5.92 15.95 23.92
C GLN B 298 4.59 16.70 23.83
N GLY B 299 3.96 16.72 22.67
CA GLY B 299 2.74 17.46 22.46
C GLY B 299 1.48 16.71 22.85
N ALA B 300 0.35 17.15 22.29
CA ALA B 300 -0.95 16.61 22.68
C ALA B 300 -1.97 16.86 21.60
N LYS B 301 -3.03 16.04 21.63
CA LYS B 301 -4.16 16.07 20.71
C LYS B 301 -5.44 16.33 21.49
N ILE B 302 -6.23 17.29 21.02
CA ILE B 302 -7.46 17.71 21.69
C ILE B 302 -8.64 17.58 20.73
N TRP B 303 -9.83 17.35 21.32
CA TRP B 303 -11.10 17.44 20.61
C TRP B 303 -11.91 18.54 21.27
N ILE B 304 -12.34 19.53 20.50
CA ILE B 304 -13.06 20.69 21.01
C ILE B 304 -14.43 20.75 20.36
N LYS B 305 -15.48 20.95 21.17
CA LYS B 305 -16.84 21.12 20.65
C LYS B 305 -17.26 22.58 20.81
N ILE B 306 -17.71 23.19 19.71
CA ILE B 306 -18.18 24.57 19.73
C ILE B 306 -19.62 24.63 19.23
N LYS B 307 -20.31 25.71 19.61
CA LYS B 307 -21.68 25.92 19.15
C LYS B 307 -21.72 26.23 17.67
N GLY B 308 -22.76 25.74 17.00
CA GLY B 308 -23.00 26.04 15.61
C GLY B 308 -22.19 25.14 14.69
N HIS B 309 -22.45 25.28 13.39
CA HIS B 309 -21.70 24.58 12.36
C HIS B 309 -20.71 25.56 11.75
N HIS B 310 -19.42 25.29 11.93
CA HIS B 310 -18.36 26.18 11.47
C HIS B 310 -17.29 25.39 10.76
N ARG B 311 -16.96 25.82 9.54
CA ARG B 311 -15.88 25.24 8.75
C ARG B 311 -14.63 26.04 9.05
N PHE B 312 -13.80 25.53 9.96
CA PHE B 312 -12.73 26.30 10.57
C PHE B 312 -11.40 25.57 10.41
N LEU B 313 -10.36 26.33 10.10
CA LEU B 313 -8.98 25.85 10.11
C LEU B 313 -8.10 26.94 10.70
N GLY B 314 -7.30 26.58 11.69
CA GLY B 314 -6.44 27.54 12.36
C GLY B 314 -5.03 27.02 12.53
N TYR B 315 -4.06 27.89 12.25
CA TYR B 315 -2.64 27.65 12.42
C TYR B 315 -2.06 28.67 13.38
N ALA B 316 -1.21 28.22 14.32
CA ALA B 316 -0.50 29.15 15.19
C ALA B 316 0.85 28.55 15.57
N PRO B 317 1.91 29.33 15.56
CA PRO B 317 3.25 28.80 15.85
C PRO B 317 3.48 28.59 17.34
N LYS B 318 4.57 27.90 17.63
CA LYS B 318 5.02 27.75 19.00
C LYS B 318 5.14 29.14 19.65
N PRO B 319 4.76 29.31 20.93
CA PRO B 319 4.34 28.34 21.93
C PRO B 319 2.84 28.24 22.15
N ALA B 320 2.05 28.36 21.09
CA ALA B 320 0.61 28.29 21.23
C ALA B 320 0.19 26.99 21.90
N LYS B 321 -0.94 27.06 22.62
CA LYS B 321 -1.52 25.85 23.21
C LYS B 321 -1.81 24.81 22.14
N MET B 322 -2.37 25.23 21.02
CA MET B 322 -2.58 24.36 19.88
C MET B 322 -2.09 25.05 18.62
N SER B 323 -1.42 24.28 17.75
CA SER B 323 -0.83 24.84 16.56
C SER B 323 -1.63 24.58 15.29
N VAL B 324 -2.37 23.47 15.22
CA VAL B 324 -3.24 23.21 14.07
C VAL B 324 -4.57 22.71 14.61
N VAL B 325 -5.66 23.39 14.22
CA VAL B 325 -7.01 23.07 14.67
C VAL B 325 -7.93 23.06 13.45
N ARG B 326 -8.74 22.02 13.31
CA ARG B 326 -9.58 21.90 12.12
C ARG B 326 -10.93 21.28 12.46
N SER B 327 -11.99 21.80 11.84
CA SER B 327 -13.30 21.16 11.92
C SER B 327 -13.25 19.71 11.43
N GLU B 328 -13.90 18.82 12.17
CA GLU B 328 -13.91 17.41 11.78
C GLU B 328 -15.31 16.81 11.72
N TYR B 329 -16.22 17.20 12.60
CA TYR B 329 -17.55 16.62 12.62
C TYR B 329 -18.59 17.70 12.83
N PHE B 330 -19.67 17.63 12.06
CA PHE B 330 -20.81 18.53 12.19
C PHE B 330 -21.96 17.74 12.79
N MET B 331 -22.29 18.04 14.04
CA MET B 331 -23.19 17.21 14.85
C MET B 331 -24.65 17.63 14.67
N ASP B 332 -25.54 16.69 15.00
CA ASP B 332 -26.98 16.89 14.80
C ASP B 332 -27.55 17.98 15.69
N ASP B 333 -26.91 18.27 16.83
CA ASP B 333 -27.39 19.27 17.76
C ASP B 333 -26.79 20.65 17.49
N ASP B 334 -26.45 20.94 16.24
CA ASP B 334 -25.90 22.24 15.85
C ASP B 334 -24.64 22.60 16.63
N THR B 335 -23.70 21.65 16.67
CA THR B 335 -22.37 21.88 17.20
C THR B 335 -21.35 21.34 16.21
N THR B 336 -20.11 21.79 16.35
CA THR B 336 -18.99 21.31 15.55
C THR B 336 -17.92 20.76 16.48
N ILE B 337 -17.38 19.59 16.14
CA ILE B 337 -16.22 19.03 16.83
C ILE B 337 -14.99 19.31 15.99
N LEU B 338 -14.00 19.95 16.60
CA LEU B 338 -12.72 20.25 15.96
C LEU B 338 -11.64 19.37 16.60
N VAL B 339 -10.62 19.05 15.82
CA VAL B 339 -9.43 18.37 16.33
C VAL B 339 -8.29 19.36 16.35
N GLY B 340 -7.42 19.23 17.34
CA GLY B 340 -6.24 20.08 17.41
C GLY B 340 -4.99 19.32 17.84
N PHE B 341 -3.86 19.81 17.38
CA PHE B 341 -2.55 19.28 17.75
C PHE B 341 -1.68 20.41 18.30
N GLY B 342 -1.00 20.15 19.42
CA GLY B 342 -0.19 21.17 20.05
C GLY B 342 1.15 20.61 20.50
N TYR B 343 2.11 21.52 20.69
CA TYR B 343 3.50 21.12 20.85
C TYR B 343 3.89 20.74 22.27
N ASP B 344 3.09 21.10 23.28
CA ASP B 344 3.53 20.97 24.67
C ASP B 344 2.34 20.51 25.53
N ASN B 345 2.35 19.22 25.90
CA ASN B 345 1.26 18.66 26.68
C ASN B 345 1.09 19.35 28.03
N THR B 346 2.14 19.98 28.56
CA THR B 346 2.04 20.57 29.90
C THR B 346 1.42 21.95 29.90
N ASN B 347 1.13 22.54 28.73
CA ASN B 347 0.56 23.87 28.69
C ASN B 347 -0.92 23.88 28.37
N ILE B 348 -1.56 22.71 28.32
CA ILE B 348 -2.99 22.64 28.04
C ILE B 348 -3.60 21.48 28.80
N ASP B 349 -4.75 21.74 29.45
CA ASP B 349 -5.57 20.69 30.03
C ASP B 349 -6.62 20.34 28.99
N LEU B 350 -6.49 19.15 28.40
CA LEU B 350 -7.35 18.74 27.29
C LEU B 350 -8.81 18.64 27.69
N ASN B 351 -9.09 18.64 29.00
CA ASN B 351 -10.45 18.48 29.47
C ASN B 351 -10.97 19.73 30.17
N SER B 352 -10.28 20.85 30.02
CA SER B 352 -10.69 22.11 30.62
C SER B 352 -11.36 22.97 29.55
N ILE B 353 -12.64 23.29 29.76
CA ILE B 353 -13.36 24.11 28.80
C ILE B 353 -12.67 25.48 28.66
N GLU B 354 -12.17 26.04 29.77
CA GLU B 354 -11.51 27.33 29.69
C GLU B 354 -10.22 27.26 28.88
N ASP B 355 -9.48 26.15 28.98
CA ASP B 355 -8.29 25.99 28.14
C ASP B 355 -8.67 25.80 26.68
N ALA B 356 -9.70 25.02 26.41
CA ALA B 356 -10.14 24.86 25.03
C ALA B 356 -10.64 26.18 24.45
N GLN B 357 -11.28 27.01 25.29
CA GLN B 357 -11.70 28.32 24.83
C GLN B 357 -10.51 29.19 24.50
N ALA B 358 -9.45 29.10 25.30
CA ALA B 358 -8.23 29.85 25.03
C ALA B 358 -7.62 29.43 23.70
N VAL B 359 -7.71 28.15 23.36
CA VAL B 359 -7.26 27.69 22.05
C VAL B 359 -8.04 28.39 20.94
N ILE B 360 -9.37 28.29 21.00
CA ILE B 360 -10.20 28.86 19.96
C ILE B 360 -9.98 30.37 19.88
N ASN B 361 -9.75 31.02 21.03
CA ASN B 361 -9.51 32.45 21.10
C ASN B 361 -8.18 32.87 20.50
N GLN B 362 -7.30 31.92 20.14
CA GLN B 362 -6.10 32.27 19.39
C GLN B 362 -6.43 32.94 18.07
N TRP B 363 -7.62 32.66 17.52
CA TRP B 363 -7.96 33.10 16.17
C TRP B 363 -9.28 33.87 16.10
N ARG B 364 -10.23 33.57 16.98
CA ARG B 364 -11.57 34.13 16.89
C ARG B 364 -12.07 34.54 18.26
N ASP B 365 -13.02 35.47 18.28
CA ASP B 365 -13.65 35.88 19.54
C ASP B 365 -15.15 35.65 19.53
N ASP B 366 -15.68 34.93 18.54
CA ASP B 366 -17.12 34.70 18.42
C ASP B 366 -17.52 33.23 18.50
N LEU B 367 -16.58 32.33 18.79
CA LEU B 367 -16.87 30.90 18.90
C LEU B 367 -16.75 30.48 20.36
N GLU B 368 -17.66 29.64 20.82
CA GLU B 368 -17.66 29.18 22.21
C GLU B 368 -17.53 27.67 22.30
N VAL B 369 -16.62 27.21 23.16
CA VAL B 369 -16.41 25.78 23.35
C VAL B 369 -17.29 25.24 24.47
N VAL B 370 -18.28 24.44 24.10
CA VAL B 370 -19.21 23.86 25.06
C VAL B 370 -18.70 22.56 25.65
N ASP B 371 -17.67 21.93 25.09
CA ASP B 371 -17.12 20.70 25.64
C ASP B 371 -15.73 20.51 25.06
N THR B 372 -14.92 19.71 25.75
CA THR B 372 -13.57 19.41 25.27
C THR B 372 -13.12 18.09 25.89
N THR B 373 -12.28 17.36 25.17
CA THR B 373 -11.78 16.10 25.72
C THR B 373 -10.45 15.75 25.07
N GLY B 374 -9.74 14.84 25.73
CA GLY B 374 -8.52 14.30 25.17
C GLY B 374 -7.80 13.44 26.18
N HIS B 375 -6.86 12.61 25.72
CA HIS B 375 -6.04 11.79 26.58
C HIS B 375 -4.60 12.26 26.44
N ASN B 376 -3.98 12.62 27.56
CA ASN B 376 -2.59 13.11 27.53
C ASN B 376 -1.64 11.92 27.55
N TRP B 377 -1.28 11.47 26.34
CA TRP B 377 -0.41 10.31 26.17
C TRP B 377 0.94 10.50 26.83
N VAL B 378 1.46 11.73 26.86
CA VAL B 378 2.77 11.96 27.45
C VAL B 378 2.74 11.65 28.94
N ALA B 379 1.62 11.96 29.61
CA ALA B 379 1.44 11.69 31.04
C ALA B 379 0.88 10.29 31.33
N ASP B 380 0.80 9.43 30.33
CA ASP B 380 0.32 8.06 30.46
C ASP B 380 1.55 7.17 30.63
N LYS B 381 1.67 6.52 31.80
CA LYS B 381 2.91 5.83 32.10
C LYS B 381 3.21 4.70 31.12
N TRP B 382 2.20 4.18 30.42
CA TRP B 382 2.40 3.09 29.48
C TRP B 382 2.69 3.57 28.07
N ALA B 383 2.77 4.89 27.86
CA ALA B 383 3.15 5.48 26.58
C ALA B 383 4.28 6.48 26.76
N GLY B 384 4.04 7.57 27.50
CA GLY B 384 5.09 8.52 27.80
C GLY B 384 5.44 9.44 26.65
N GLN B 385 4.65 9.40 25.62
CA GLN B 385 4.84 10.15 24.42
C GLN B 385 3.60 10.06 23.60
N ALA B 386 3.52 10.87 22.56
CA ALA B 386 2.45 10.73 21.61
C ALA B 386 2.99 9.82 20.46
N TRP B 387 2.77 10.15 19.21
CA TRP B 387 3.38 9.33 18.17
C TRP B 387 4.89 9.62 18.15
N GLY B 388 5.69 8.64 17.83
CA GLY B 388 7.12 8.87 17.80
C GLY B 388 7.58 9.80 16.70
N THR B 389 8.36 10.80 17.05
CA THR B 389 8.96 11.76 16.11
C THR B 389 10.41 11.96 16.52
N LEU B 390 11.24 12.43 15.59
CA LEU B 390 12.69 12.37 15.75
C LEU B 390 13.28 13.70 16.15
N ARG B 391 14.09 13.70 17.20
CA ARG B 391 15.01 14.78 17.50
C ARG B 391 16.18 14.77 16.53
N LYS B 392 16.90 15.89 16.46
CA LYS B 392 18.14 15.96 15.70
C LYS B 392 19.04 14.78 16.04
N GLY B 393 19.61 14.16 15.00
CA GLY B 393 20.50 13.04 15.17
C GLY B 393 19.83 11.70 15.28
N GLN B 394 18.50 11.67 15.45
CA GLN B 394 17.81 10.41 15.70
C GLN B 394 17.36 9.71 14.42
N PHE B 395 17.46 10.35 13.25
CA PHE B 395 17.19 9.61 12.02
C PHE B 395 18.29 8.59 11.76
N THR B 396 19.55 8.96 11.98
CA THR B 396 20.66 8.09 11.67
C THR B 396 21.26 7.39 12.89
N GLN B 397 21.07 7.94 14.09
CA GLN B 397 21.54 7.30 15.31
C GLN B 397 20.42 7.26 16.35
N GLY B 398 19.27 6.74 15.95
CA GLY B 398 18.11 6.71 16.83
C GLY B 398 17.29 5.44 16.69
N TRP B 399 16.24 5.51 15.87
CA TRP B 399 15.28 4.41 15.76
C TRP B 399 15.93 3.11 15.28
N SER B 400 16.92 3.21 14.39
CA SER B 400 17.50 2.00 13.81
C SER B 400 18.37 1.25 14.80
N LEU B 401 18.77 1.89 15.91
CA LEU B 401 19.63 1.24 16.90
C LEU B 401 18.90 0.15 17.67
N PHE B 402 17.58 0.18 17.68
CA PHE B 402 16.83 -0.79 18.46
C PHE B 402 16.79 -2.16 17.79
N ASP B 403 17.27 -2.26 16.55
CA ASP B 403 17.38 -3.58 15.93
C ASP B 403 18.71 -4.28 16.25
N ASP B 404 19.66 -3.57 16.86
CA ASP B 404 20.98 -4.15 17.18
C ASP B 404 21.02 -4.67 18.61
N ILE B 405 20.14 -5.61 18.93
CA ILE B 405 20.13 -6.25 20.24
C ILE B 405 20.53 -7.70 20.03
N ASP B 406 21.72 -8.07 20.52
CA ASP B 406 22.29 -9.38 20.26
C ASP B 406 21.81 -10.37 21.33
N SER B 407 20.53 -10.70 21.25
CA SER B 407 19.84 -11.59 22.17
C SER B 407 18.45 -11.85 21.59
N GLN B 408 17.67 -12.66 22.28
CA GLN B 408 16.31 -12.98 21.84
C GLN B 408 15.30 -11.93 22.29
N LEU B 409 15.76 -10.76 22.70
CA LEU B 409 14.90 -9.59 22.84
C LEU B 409 14.83 -8.86 21.52
N PHE B 410 13.61 -8.59 21.07
CA PHE B 410 13.36 -7.84 19.85
C PHE B 410 12.50 -6.63 20.18
N PHE B 411 12.82 -5.48 19.62
CA PHE B 411 11.97 -4.29 19.74
C PHE B 411 11.13 -4.14 18.49
N ALA B 412 9.81 -4.01 18.68
CA ALA B 412 8.90 -3.80 17.57
C ALA B 412 7.93 -2.69 17.93
N GLY B 413 7.47 -1.97 16.94
CA GLY B 413 6.54 -0.89 17.17
C GLY B 413 6.68 0.11 16.06
N SER B 414 5.69 1.00 15.96
CA SER B 414 5.74 1.99 14.90
C SER B 414 7.02 2.80 14.95
N ASP B 415 7.53 3.09 16.15
CA ASP B 415 8.66 4.00 16.26
C ASP B 415 9.95 3.45 15.70
N TYR B 416 10.01 2.18 15.33
CA TYR B 416 11.21 1.59 14.72
C TYR B 416 10.99 1.14 13.28
N ALA B 417 9.89 1.54 12.66
CA ALA B 417 9.59 1.09 11.31
C ALA B 417 10.48 1.75 10.27
N TYR B 418 10.63 1.05 9.14
CA TYR B 418 11.37 1.62 8.00
C TYR B 418 10.56 2.68 7.26
N GLY B 419 9.24 2.54 7.24
CA GLY B 419 8.40 3.40 6.43
C GLY B 419 7.80 4.55 7.20
N TRP B 420 6.50 4.47 7.47
CA TRP B 420 5.75 5.53 8.12
C TRP B 420 5.94 5.45 9.64
N ARG B 421 7.18 5.73 10.03
CA ARG B 421 7.66 5.50 11.39
C ARG B 421 7.02 6.43 12.40
N GLY B 422 6.47 5.84 13.47
CA GLY B 422 5.97 6.61 14.59
C GLY B 422 4.61 7.21 14.34
N VAL B 423 4.52 8.04 13.30
CA VAL B 423 3.34 8.84 13.03
C VAL B 423 2.14 8.00 12.62
N CYS B 424 2.33 6.78 12.12
CA CYS B 424 1.24 6.06 11.50
C CYS B 424 1.11 4.64 12.04
N VAL B 425 -0.14 4.18 12.12
CA VAL B 425 -0.41 2.78 12.42
C VAL B 425 0.27 1.89 11.41
N ASP B 426 0.48 2.38 10.18
CA ASP B 426 1.17 1.60 9.16
C ASP B 426 2.53 1.13 9.64
N GLY B 427 3.25 2.00 10.36
CA GLY B 427 4.56 1.61 10.88
C GLY B 427 4.50 0.54 11.96
N ALA B 428 3.46 0.59 12.81
CA ALA B 428 3.30 -0.45 13.81
C ALA B 428 2.96 -1.80 13.17
N LEU B 429 2.06 -1.80 12.18
CA LEU B 429 1.71 -3.03 11.50
C LEU B 429 2.89 -3.57 10.69
N GLU B 430 3.68 -2.69 10.10
CA GLU B 430 4.90 -3.10 9.40
C GLU B 430 5.86 -3.78 10.36
N LYS B 431 6.22 -3.09 11.44
CA LYS B 431 7.32 -3.56 12.27
C LYS B 431 6.91 -4.71 13.16
N GLY B 432 5.65 -4.75 13.59
CA GLY B 432 5.20 -5.94 14.31
C GLY B 432 5.27 -7.18 13.46
N MET B 433 4.87 -7.07 12.20
CA MET B 433 4.87 -8.23 11.32
C MET B 433 6.29 -8.65 10.98
N THR B 434 7.15 -7.70 10.61
CA THR B 434 8.50 -8.09 10.22
C THR B 434 9.31 -8.60 11.41
N THR B 435 9.02 -8.10 12.63
CA THR B 435 9.73 -8.63 13.79
C THR B 435 9.29 -10.05 14.08
N ALA B 436 7.99 -10.33 13.94
CA ALA B 436 7.55 -11.73 14.03
C ALA B 436 8.26 -12.60 12.99
N ARG B 437 8.48 -12.07 11.76
CA ARG B 437 9.21 -12.87 10.78
C ARG B 437 10.66 -13.09 11.20
N GLN B 438 11.29 -12.11 11.85
CA GLN B 438 12.63 -12.34 12.39
C GLN B 438 12.62 -13.51 13.35
N VAL B 439 11.62 -13.55 14.23
CA VAL B 439 11.50 -14.66 15.18
C VAL B 439 11.23 -15.97 14.44
N ILE B 440 10.29 -15.94 13.49
CA ILE B 440 9.94 -17.14 12.71
C ILE B 440 11.16 -17.67 11.97
N ASN B 441 11.91 -16.77 11.31
CA ASN B 441 13.05 -17.22 10.51
C ASN B 441 14.12 -17.82 11.40
N SER B 442 14.29 -17.28 12.60
CA SER B 442 15.25 -17.82 13.55
C SER B 442 14.88 -19.26 13.91
N MET B 443 13.62 -19.49 14.25
CA MET B 443 13.19 -20.83 14.65
C MET B 443 13.20 -21.80 13.48
N ARG B 444 12.98 -21.32 12.27
CA ARG B 444 12.99 -22.19 11.09
C ARG B 444 14.41 -22.65 10.75
#